data_6G9Q
#
_entry.id   6G9Q
#
_cell.length_a   256.383
_cell.length_b   46.622
_cell.length_c   90.059
_cell.angle_alpha   90.00
_cell.angle_beta   94.20
_cell.angle_gamma   90.00
#
_symmetry.space_group_name_H-M   'C 1 2 1'
#
loop_
_entity.id
_entity.type
_entity.pdbx_description
1 polymer 'H-2 class I histocompatibility antigen, D-B alpha chain'
2 polymer Beta-2-microglobulin
3 polymer 'T cell receptor alpha variable 14-1,T-cell receptor alpha chain C region'
4 polymer 'T-cell receptor beta chain V region C5,T-cell receptor beta-1 chain C region'
5 polymer 'Dopamine beta-hydroxylase'
6 non-polymer GLYCEROL
7 water water
#
loop_
_entity_poly.entity_id
_entity_poly.type
_entity_poly.pdbx_seq_one_letter_code
_entity_poly.pdbx_strand_id
1 'polypeptide(L)'
;GPHSMRYFETAVSRPGLEEPRYISVGYVDNKEFVRFDSDAENPRYEPRAPWMEQEGPEYWERETQKAKGQEQWFRVSLRN
LLGYYNQSAGGSHTLQQMSGCDLGSDWRLLRGYLQFAYEGRDYIALNEDLKTWTAADMAAQITRRKWEQSGAAEHYKAYL
EGECVEWLHRYLKNGNATLLRTDSPKAHVTHHPRSKGEVTLRCWALGFYPADITLTWQLNGEELTQDMELVETRPAGDGT
FQKWASVVVPLGKEQNYTCRVYHEGLPEPLTLRWEP
;
A
2 'polypeptide(L)'
;MARSVTLVFLVLVSLTGLMGIQKTPQIQVYSRHPPENGKPNILNCYVTQFHPPHIEIQMLKNGKKIPKVEMSDMSFSKDW
SFYILAHTEFTPTETDTYACRVKHDSMAEPKTVYWDRDM
;
B
3 'polypeptide(L)'
;QQKEKHDQQQVRQSPQSLTVWEGGTTVLTCSYEDSTFNYFPWYQQFPGEGPALLISILSVSDKKEDGRFTTFFNKREKKL
SLHIIDSQPGDSATYFCAALYGNEKITFGAGTKLTIKPNIQNPDPAVYQLKDPKSQDSTLCLFTDFDSQINVPKTMESGT
FITDKCVLDMKAMDSKSNGAIAWSNQTSFTCQDIFKETNATYPSS
;
G
4 'polypeptide(L)'
;AVTQSPRSKVAVTGGKVTLSCHQTNNHDYMYWYRQDTGHGLRLIHYSYVADSTEKGDIPDGYKASRPSQENFSLILELAS
LSQTAVYFCASSDAGGRNTLYFGAGTRLSVLEDLRNVTPPKVSLFEPSKAEISNKQKATLVCLARGFFPDHVELSWWVNG
KEVHSGVCTDPQAYKESNYSYSLSSRLRVSATFWHNPRNHFRCQVQFHGLSEEDKWPEGSPKPVTQNISAEAWGRADC
;
H
5 'polypeptide(L)' KAPYDYAPI P
#
loop_
_chem_comp.id
_chem_comp.type
_chem_comp.name
_chem_comp.formula
GOL non-polymer GLYCEROL 'C3 H8 O3'
#
# COMPACT_ATOMS: atom_id res chain seq x y z
N GLY A 1 34.82 -12.42 6.55
CA GLY A 1 34.62 -11.09 7.17
C GLY A 1 33.19 -10.62 6.99
N PRO A 2 33.00 -9.42 6.42
CA PRO A 2 31.63 -8.91 6.30
C PRO A 2 30.81 -9.71 5.28
N HIS A 3 29.49 -9.54 5.35
CA HIS A 3 28.59 -10.10 4.38
C HIS A 3 27.64 -8.99 3.99
N SER A 4 27.03 -9.11 2.81
CA SER A 4 26.09 -8.08 2.36
C SER A 4 24.96 -8.65 1.52
N MET A 5 23.82 -7.95 1.54
CA MET A 5 22.76 -8.19 0.59
C MET A 5 22.41 -6.86 -0.07
N ARG A 6 22.13 -6.91 -1.36
CA ARG A 6 21.61 -5.75 -2.09
C ARG A 6 20.52 -6.15 -3.06
N TYR A 7 19.55 -5.26 -3.22
CA TYR A 7 18.64 -5.32 -4.35
C TYR A 7 18.81 -4.06 -5.16
N PHE A 8 19.11 -4.25 -6.46
CA PHE A 8 19.29 -3.17 -7.43
C PHE A 8 18.08 -3.17 -8.37
N GLU A 9 17.36 -2.06 -8.39
CA GLU A 9 16.12 -1.96 -9.13
C GLU A 9 16.16 -0.82 -10.12
N THR A 10 15.65 -1.07 -11.32
CA THR A 10 15.61 -0.11 -12.41
C THR A 10 14.23 -0.12 -13.06
N ALA A 11 13.65 1.07 -13.22
CA ALA A 11 12.52 1.25 -14.12
C ALA A 11 12.89 2.26 -15.17
N VAL A 12 12.62 1.90 -16.43
CA VAL A 12 12.91 2.77 -17.59
C VAL A 12 11.65 2.99 -18.41
N SER A 13 11.20 4.25 -18.49
CA SER A 13 10.02 4.61 -19.28
C SER A 13 10.38 4.62 -20.76
N ARG A 14 9.38 4.31 -21.58
CA ARG A 14 9.57 4.21 -23.03
C ARG A 14 8.52 5.07 -23.71
N PRO A 15 8.92 5.82 -24.76
CA PRO A 15 8.03 6.81 -25.37
C PRO A 15 6.77 6.24 -26.03
N GLY A 16 6.82 4.97 -26.44
CA GLY A 16 5.68 4.36 -27.13
C GLY A 16 4.48 4.04 -26.24
N LEU A 17 3.78 2.97 -26.58
CA LEU A 17 2.62 2.51 -25.83
C LEU A 17 3.00 1.64 -24.64
N GLU A 18 4.23 1.11 -24.62
CA GLU A 18 4.62 0.16 -23.59
C GLU A 18 4.84 0.87 -22.26
N GLU A 19 4.40 0.22 -21.18
CA GLU A 19 4.68 0.65 -19.82
C GLU A 19 6.18 0.54 -19.56
N PRO A 20 6.70 1.20 -18.52
CA PRO A 20 8.14 1.12 -18.29
C PRO A 20 8.59 -0.29 -18.04
N ARG A 21 9.82 -0.60 -18.45
CA ARG A 21 10.43 -1.87 -18.09
C ARG A 21 11.00 -1.77 -16.68
N TYR A 22 10.70 -2.75 -15.86
CA TYR A 22 11.15 -2.82 -14.48
C TYR A 22 11.96 -4.09 -14.29
N ILE A 23 13.19 -3.93 -13.81
CA ILE A 23 14.10 -5.05 -13.54
C ILE A 23 14.63 -4.94 -12.11
N SER A 24 14.58 -6.05 -11.39
CA SER A 24 15.14 -6.11 -10.05
C SER A 24 16.12 -7.27 -9.97
N VAL A 25 17.29 -7.00 -9.41
CA VAL A 25 18.33 -7.98 -9.21
C VAL A 25 18.78 -7.99 -7.76
N GLY A 26 18.76 -9.17 -7.17
CA GLY A 26 19.28 -9.38 -5.82
C GLY A 26 20.69 -9.95 -5.84
N TYR A 27 21.47 -9.54 -4.84
CA TYR A 27 22.86 -9.93 -4.66
C TYR A 27 23.08 -10.31 -3.20
N VAL A 28 23.81 -11.41 -3.01
CA VAL A 28 24.33 -11.78 -1.69
C VAL A 28 25.84 -11.85 -1.84
N ASP A 29 26.55 -11.09 -1.02
CA ASP A 29 28.00 -10.95 -1.11
C ASP A 29 28.46 -10.71 -2.55
N ASN A 30 27.77 -9.80 -3.22
CA ASN A 30 28.09 -9.35 -4.57
C ASN A 30 27.83 -10.36 -5.68
N LYS A 31 27.12 -11.43 -5.36
CA LYS A 31 26.81 -12.49 -6.33
C LYS A 31 25.30 -12.46 -6.58
N GLU A 32 24.90 -12.35 -7.85
CA GLU A 32 23.49 -12.34 -8.23
C GLU A 32 22.81 -13.64 -7.78
N PHE A 33 21.66 -13.55 -7.12
CA PHE A 33 20.94 -14.74 -6.66
C PHE A 33 19.45 -14.78 -7.04
N VAL A 34 18.85 -13.63 -7.33
CA VAL A 34 17.48 -13.57 -7.85
C VAL A 34 17.36 -12.41 -8.85
N ARG A 35 16.39 -12.52 -9.75
CA ARG A 35 16.13 -11.52 -10.77
C ARG A 35 14.65 -11.56 -11.17
N PHE A 36 14.08 -10.36 -11.35
CA PHE A 36 12.75 -10.15 -11.92
C PHE A 36 12.90 -9.16 -13.08
N ASP A 37 12.21 -9.47 -14.18
CA ASP A 37 12.22 -8.69 -15.40
C ASP A 37 10.83 -8.69 -16.01
N SER A 38 10.22 -7.51 -16.00
CA SER A 38 8.88 -7.31 -16.51
C SER A 38 8.73 -7.63 -18.01
N ASP A 39 9.83 -7.62 -18.75
CA ASP A 39 9.81 -7.94 -20.18
C ASP A 39 9.67 -9.44 -20.47
N ALA A 40 9.89 -10.31 -19.48
CA ALA A 40 9.81 -11.76 -19.68
C ALA A 40 8.39 -12.20 -20.01
N GLU A 41 8.25 -13.38 -20.59
CA GLU A 41 6.92 -13.87 -21.01
C GLU A 41 6.01 -14.07 -19.83
N ASN A 42 6.54 -14.72 -18.81
CA ASN A 42 5.86 -14.85 -17.54
C ASN A 42 6.69 -14.13 -16.49
N PRO A 43 6.47 -12.81 -16.31
CA PRO A 43 7.35 -12.11 -15.36
C PRO A 43 7.25 -12.68 -13.95
N ARG A 44 8.38 -13.05 -13.36
CA ARG A 44 8.42 -13.52 -11.98
C ARG A 44 9.85 -13.52 -11.50
N TYR A 45 10.02 -13.53 -10.18
CA TYR A 45 11.34 -13.70 -9.61
C TYR A 45 11.80 -15.10 -9.92
N GLU A 46 13.07 -15.21 -10.29
CA GLU A 46 13.70 -16.50 -10.62
C GLU A 46 14.99 -16.62 -9.83
N PRO A 47 15.34 -17.85 -9.44
CA PRO A 47 16.63 -18.11 -8.82
C PRO A 47 17.76 -17.90 -9.84
N ARG A 48 18.89 -17.35 -9.39
CA ARG A 48 20.02 -17.12 -10.26
C ARG A 48 21.30 -17.77 -9.70
N ALA A 49 21.17 -18.47 -8.57
CA ALA A 49 22.25 -19.30 -8.05
C ALA A 49 21.63 -20.60 -7.50
N PRO A 50 22.37 -21.73 -7.58
CA PRO A 50 21.85 -23.04 -7.20
C PRO A 50 21.21 -23.11 -5.83
N TRP A 51 21.90 -22.61 -4.81
CA TRP A 51 21.39 -22.68 -3.43
C TRP A 51 19.99 -22.03 -3.20
N MET A 52 19.55 -21.14 -4.08
CA MET A 52 18.18 -20.59 -4.00
C MET A 52 17.10 -21.60 -4.37
N GLU A 53 17.49 -22.74 -4.94
CA GLU A 53 16.52 -23.81 -5.23
C GLU A 53 15.83 -24.34 -3.96
N GLN A 54 16.37 -24.04 -2.78
CA GLN A 54 15.79 -24.46 -1.50
C GLN A 54 14.45 -23.83 -1.13
N GLU A 55 14.13 -22.68 -1.71
CA GLU A 55 12.91 -21.96 -1.34
C GLU A 55 11.70 -22.56 -2.05
N GLY A 56 10.58 -22.65 -1.32
CA GLY A 56 9.33 -23.18 -1.85
C GLY A 56 8.60 -22.22 -2.78
N PRO A 57 7.47 -22.66 -3.33
CA PRO A 57 6.73 -21.87 -4.30
C PRO A 57 6.13 -20.58 -3.73
N GLU A 58 5.78 -20.56 -2.43
CA GLU A 58 5.21 -19.37 -1.79
C GLU A 58 6.23 -18.23 -1.76
N TYR A 59 7.50 -18.59 -1.55
CA TYR A 59 8.58 -17.63 -1.61
C TYR A 59 8.56 -16.91 -2.95
N TRP A 60 8.57 -17.68 -4.04
CA TRP A 60 8.62 -17.09 -5.38
C TRP A 60 7.32 -16.36 -5.72
N GLU A 61 6.19 -16.92 -5.29
CA GLU A 61 4.90 -16.31 -5.59
C GLU A 61 4.80 -14.95 -4.92
N ARG A 62 5.17 -14.89 -3.64
CA ARG A 62 5.00 -13.67 -2.88
C ARG A 62 6.05 -12.61 -3.24
N GLU A 63 7.30 -13.01 -3.49
CA GLU A 63 8.29 -12.09 -4.03
C GLU A 63 7.87 -11.52 -5.38
N THR A 64 7.27 -12.36 -6.21
CA THR A 64 6.70 -11.92 -7.49
C THR A 64 5.59 -10.89 -7.29
N GLN A 65 4.69 -11.16 -6.34
CA GLN A 65 3.63 -10.18 -6.05
C GLN A 65 4.23 -8.85 -5.57
N LYS A 66 5.27 -8.92 -4.76
CA LYS A 66 6.02 -7.73 -4.30
C LYS A 66 6.63 -6.91 -5.47
N ALA A 67 7.31 -7.59 -6.38
CA ALA A 67 7.81 -6.97 -7.62
C ALA A 67 6.71 -6.26 -8.43
N LYS A 68 5.55 -6.90 -8.54
CA LYS A 68 4.42 -6.31 -9.26
C LYS A 68 4.00 -5.00 -8.59
N GLY A 69 4.01 -5.00 -7.26
CA GLY A 69 3.73 -3.78 -6.49
C GLY A 69 4.79 -2.71 -6.72
N GLN A 70 6.05 -3.11 -6.66
CA GLN A 70 7.19 -2.25 -6.95
C GLN A 70 7.10 -1.64 -8.33
N GLU A 71 6.76 -2.47 -9.30
CA GLU A 71 6.59 -2.04 -10.67
C GLU A 71 5.60 -0.85 -10.74
N GLN A 72 4.47 -0.94 -10.04
CA GLN A 72 3.51 0.16 -10.01
C GLN A 72 4.08 1.38 -9.27
N TRP A 73 4.76 1.13 -8.15
CA TRP A 73 5.41 2.20 -7.40
C TRP A 73 6.38 2.99 -8.28
N PHE A 74 7.17 2.28 -9.08
CA PHE A 74 8.12 2.93 -10.00
C PHE A 74 7.38 3.68 -11.12
N ARG A 75 6.27 3.14 -11.62
CA ARG A 75 5.46 3.84 -12.63
C ARG A 75 4.94 5.17 -12.11
N VAL A 76 4.33 5.13 -10.92
CA VAL A 76 3.79 6.33 -10.26
C VAL A 76 4.90 7.33 -10.01
N SER A 77 6.01 6.84 -9.48
CA SER A 77 7.17 7.68 -9.16
C SER A 77 7.77 8.34 -10.41
N LEU A 78 7.86 7.60 -11.50
CA LEU A 78 8.36 8.15 -12.76
C LEU A 78 7.45 9.25 -13.30
N ARG A 79 6.15 9.07 -13.18
CA ARG A 79 5.21 10.11 -13.64
C ARG A 79 5.35 11.36 -12.76
N ASN A 80 5.50 11.15 -11.45
CA ASN A 80 5.73 12.28 -10.54
C ASN A 80 7.00 13.04 -10.90
N LEU A 81 8.06 12.31 -11.21
CA LEU A 81 9.33 12.92 -11.58
C LEU A 81 9.25 13.74 -12.87
N LEU A 82 8.46 13.29 -13.85
CA LEU A 82 8.23 14.09 -15.06
C LEU A 82 7.70 15.47 -14.69
N GLY A 83 6.73 15.49 -13.77
CA GLY A 83 6.13 16.73 -13.30
C GLY A 83 7.08 17.61 -12.53
N TYR A 84 7.83 17.03 -11.59
CA TYR A 84 8.80 17.78 -10.78
C TYR A 84 9.82 18.53 -11.63
N TYR A 85 10.27 17.94 -12.73
CA TYR A 85 11.30 18.54 -13.56
C TYR A 85 10.75 19.21 -14.81
N ASN A 86 9.42 19.29 -14.91
CA ASN A 86 8.75 19.84 -16.10
C ASN A 86 9.32 19.28 -17.39
N GLN A 87 9.47 17.96 -17.44
CA GLN A 87 10.01 17.32 -18.62
C GLN A 87 8.89 17.05 -19.62
N SER A 88 9.26 17.00 -20.90
CA SER A 88 8.30 16.70 -21.97
C SER A 88 7.98 15.21 -22.02
N ALA A 89 6.81 14.87 -22.58
CA ALA A 89 6.22 13.53 -22.44
C ALA A 89 6.69 12.45 -23.44
N GLY A 90 7.48 12.84 -24.44
CA GLY A 90 7.91 11.91 -25.49
C GLY A 90 9.33 11.38 -25.36
N GLY A 91 9.80 11.17 -24.13
CA GLY A 91 11.18 10.77 -23.88
C GLY A 91 11.32 9.44 -23.15
N SER A 92 12.55 9.15 -22.74
CA SER A 92 12.86 7.96 -21.93
C SER A 92 13.60 8.42 -20.67
N HIS A 93 13.25 7.81 -19.54
CA HIS A 93 13.73 8.26 -18.23
C HIS A 93 13.98 7.05 -17.33
N THR A 94 15.02 7.14 -16.50
CA THR A 94 15.50 6.00 -15.71
C THR A 94 15.46 6.31 -14.23
N LEU A 95 14.73 5.50 -13.49
CA LEU A 95 14.76 5.56 -12.02
C LEU A 95 15.38 4.28 -11.48
N GLN A 96 16.38 4.43 -10.62
CA GLN A 96 17.05 3.30 -10.00
C GLN A 96 17.04 3.39 -8.47
N GLN A 97 17.10 2.23 -7.84
CA GLN A 97 17.14 2.09 -6.41
C GLN A 97 18.21 1.06 -6.05
N MET A 98 18.96 1.34 -4.99
CA MET A 98 19.82 0.38 -4.32
C MET A 98 19.41 0.33 -2.85
N SER A 99 19.16 -0.89 -2.38
CA SER A 99 18.81 -1.14 -0.99
C SER A 99 19.55 -2.35 -0.47
N GLY A 100 19.77 -2.38 0.83
CA GLY A 100 20.33 -3.57 1.46
C GLY A 100 21.11 -3.29 2.72
N CYS A 101 21.88 -4.28 3.13
CA CYS A 101 22.49 -4.29 4.44
C CYS A 101 23.88 -4.93 4.40
N ASP A 102 24.76 -4.42 5.25
CA ASP A 102 26.06 -5.00 5.53
C ASP A 102 25.99 -5.57 6.94
N LEU A 103 26.52 -6.77 7.13
CA LEU A 103 26.53 -7.44 8.42
C LEU A 103 27.96 -7.65 8.92
N GLY A 104 28.09 -7.90 10.23
CA GLY A 104 29.35 -8.33 10.82
C GLY A 104 29.37 -9.85 10.92
N SER A 105 30.50 -10.40 11.38
CA SER A 105 30.61 -11.85 11.63
C SER A 105 29.63 -12.24 12.73
N ASP A 106 29.64 -11.49 13.84
CA ASP A 106 28.51 -11.49 14.76
C ASP A 106 27.43 -10.75 13.98
N TRP A 107 26.21 -11.27 13.97
CA TRP A 107 25.29 -10.93 12.88
C TRP A 107 24.63 -9.56 13.00
N ARG A 108 25.39 -8.57 13.47
CA ARG A 108 24.85 -7.25 13.72
C ARG A 108 24.79 -6.46 12.41
N LEU A 109 23.74 -5.67 12.24
CA LEU A 109 23.69 -4.71 11.14
C LEU A 109 24.80 -3.68 11.31
N LEU A 110 25.71 -3.61 10.35
CA LEU A 110 26.78 -2.62 10.34
C LEU A 110 26.30 -1.36 9.66
N ARG A 111 25.60 -1.53 8.54
CA ARG A 111 25.09 -0.39 7.78
C ARG A 111 23.96 -0.78 6.85
N GLY A 112 22.92 0.05 6.84
CA GLY A 112 21.77 -0.07 5.95
C GLY A 112 21.83 0.95 4.84
N TYR A 113 21.30 0.58 3.68
CA TYR A 113 21.31 1.44 2.50
C TYR A 113 19.93 1.46 1.84
N LEU A 114 19.48 2.67 1.49
CA LEU A 114 18.27 2.84 0.70
C LEU A 114 18.39 4.14 -0.08
N GLN A 115 18.67 4.04 -1.37
CA GLN A 115 18.95 5.22 -2.16
C GLN A 115 18.47 5.10 -3.60
N PHE A 116 18.25 6.27 -4.19
CA PHE A 116 17.67 6.40 -5.50
C PHE A 116 18.49 7.33 -6.39
N ALA A 117 18.38 7.09 -7.69
CA ALA A 117 18.92 7.96 -8.72
C ALA A 117 17.89 8.15 -9.82
N TYR A 118 17.87 9.35 -10.39
CA TYR A 118 17.05 9.64 -11.53
C TYR A 118 17.99 10.18 -12.61
N GLU A 119 17.86 9.62 -13.82
CA GLU A 119 18.71 9.97 -14.97
C GLU A 119 20.18 9.82 -14.63
N GLY A 120 20.51 8.81 -13.82
CA GLY A 120 21.88 8.51 -13.49
C GLY A 120 22.51 9.43 -12.46
N ARG A 121 21.72 10.27 -11.82
CA ARG A 121 22.25 11.21 -10.83
C ARG A 121 21.61 10.87 -9.51
N ASP A 122 22.37 10.96 -8.42
CA ASP A 122 21.80 10.76 -7.08
C ASP A 122 20.60 11.68 -6.88
N TYR A 123 19.52 11.12 -6.33
CA TYR A 123 18.26 11.82 -6.14
C TYR A 123 17.96 12.00 -4.66
N ILE A 124 17.81 10.89 -3.94
CA ILE A 124 17.56 10.93 -2.50
C ILE A 124 18.08 9.65 -1.86
N ALA A 125 18.54 9.76 -0.61
CA ALA A 125 19.07 8.61 0.12
C ALA A 125 18.78 8.70 1.61
N LEU A 126 18.55 7.54 2.20
CA LEU A 126 18.32 7.42 3.63
C LEU A 126 19.68 7.49 4.27
N ASN A 127 19.85 8.39 5.23
CA ASN A 127 21.12 8.54 5.90
C ASN A 127 21.45 7.29 6.73
N GLU A 128 22.72 7.20 7.16
CA GLU A 128 23.19 6.07 7.95
C GLU A 128 22.39 5.91 9.26
N ASP A 129 21.83 7.00 9.78
CA ASP A 129 20.98 6.92 10.99
C ASP A 129 19.65 6.16 10.77
N LEU A 130 19.30 5.91 9.50
CA LEU A 130 18.03 5.25 9.13
C LEU A 130 16.79 6.03 9.59
N LYS A 131 16.93 7.34 9.73
CA LYS A 131 15.85 8.22 10.20
C LYS A 131 15.71 9.49 9.37
N THR A 132 16.83 10.02 8.86
CA THR A 132 16.80 11.24 8.06
C THR A 132 17.22 10.98 6.62
N TRP A 133 16.86 11.92 5.76
CA TRP A 133 17.09 11.85 4.31
C TRP A 133 18.05 12.94 3.83
N THR A 134 18.90 12.58 2.88
CA THR A 134 19.69 13.54 2.11
C THR A 134 19.12 13.62 0.71
N ALA A 135 18.59 14.80 0.36
CA ALA A 135 18.01 15.07 -0.96
C ALA A 135 19.01 15.88 -1.76
N ALA A 136 19.24 15.49 -3.01
CA ALA A 136 20.34 16.03 -3.82
C ALA A 136 20.00 17.32 -4.59
N ASP A 137 18.73 17.54 -4.88
CA ASP A 137 18.32 18.70 -5.68
C ASP A 137 16.90 19.16 -5.29
N MET A 138 16.34 20.10 -6.05
CA MET A 138 15.06 20.72 -5.69
C MET A 138 13.91 19.74 -5.73
N ALA A 139 13.88 18.90 -6.76
CA ALA A 139 12.80 17.90 -6.89
C ALA A 139 12.83 16.96 -5.70
N ALA A 140 14.01 16.46 -5.35
CA ALA A 140 14.18 15.56 -4.21
C ALA A 140 13.75 16.18 -2.87
N GLN A 141 13.78 17.50 -2.78
CA GLN A 141 13.27 18.19 -1.59
C GLN A 141 11.78 17.94 -1.42
N ILE A 142 11.05 17.82 -2.55
CA ILE A 142 9.60 17.59 -2.53
C ILE A 142 9.36 16.21 -1.97
N THR A 143 10.06 15.24 -2.53
CA THR A 143 10.00 13.85 -2.06
C THR A 143 10.35 13.75 -0.58
N ARG A 144 11.44 14.43 -0.19
CA ARG A 144 11.90 14.44 1.19
C ARG A 144 10.79 14.84 2.16
N ARG A 145 10.09 15.93 1.85
CA ARG A 145 9.03 16.41 2.74
C ARG A 145 7.84 15.47 2.76
N LYS A 146 7.46 14.93 1.62
CA LYS A 146 6.40 13.92 1.57
C LYS A 146 6.72 12.74 2.49
N TRP A 147 7.96 12.27 2.42
CA TRP A 147 8.40 11.10 3.16
C TRP A 147 8.61 11.37 4.66
N GLU A 148 9.09 12.56 4.99
CA GLU A 148 9.15 13.01 6.38
C GLU A 148 7.75 13.08 6.99
N GLN A 149 6.82 13.62 6.22
CA GLN A 149 5.42 13.75 6.64
C GLN A 149 4.73 12.41 6.87
N SER A 150 4.97 11.46 5.98
CA SER A 150 4.31 10.15 6.07
C SER A 150 5.09 9.16 6.92
N GLY A 151 6.28 9.56 7.38
CA GLY A 151 7.12 8.72 8.22
C GLY A 151 7.69 7.52 7.50
N ALA A 152 8.08 7.71 6.24
CA ALA A 152 8.57 6.61 5.42
C ALA A 152 9.84 5.94 5.97
N ALA A 153 10.73 6.73 6.55
CA ALA A 153 11.99 6.23 7.11
C ALA A 153 11.77 5.09 8.12
N GLU A 154 10.69 5.13 8.89
CA GLU A 154 10.43 4.09 9.90
C GLU A 154 10.20 2.73 9.24
N HIS A 155 9.53 2.75 8.09
CA HIS A 155 9.24 1.52 7.37
C HIS A 155 10.51 0.91 6.77
N TYR A 156 11.33 1.73 6.15
CA TYR A 156 12.62 1.29 5.64
C TYR A 156 13.61 0.85 6.71
N LYS A 157 13.64 1.58 7.82
CA LYS A 157 14.46 1.21 8.97
C LYS A 157 14.05 -0.19 9.45
N ALA A 158 12.74 -0.44 9.53
CA ALA A 158 12.24 -1.75 9.96
C ALA A 158 12.71 -2.87 9.02
N TYR A 159 12.55 -2.67 7.72
CA TYR A 159 13.04 -3.63 6.75
C TYR A 159 14.56 -3.86 6.85
N LEU A 160 15.33 -2.78 6.92
CA LEU A 160 16.78 -2.91 6.90
C LEU A 160 17.38 -3.55 8.13
N GLU A 161 16.76 -3.31 9.29
CA GLU A 161 17.22 -3.84 10.57
C GLU A 161 16.67 -5.23 10.85
N GLY A 162 15.54 -5.57 10.23
CA GLY A 162 14.87 -6.84 10.47
C GLY A 162 15.03 -7.79 9.31
N GLU A 163 14.08 -7.74 8.37
CA GLU A 163 14.07 -8.65 7.22
C GLU A 163 15.37 -8.75 6.44
N CYS A 164 16.02 -7.62 6.16
CA CYS A 164 17.25 -7.66 5.36
C CYS A 164 18.28 -8.55 6.04
N VAL A 165 18.45 -8.29 7.34
CA VAL A 165 19.39 -9.01 8.19
C VAL A 165 19.04 -10.49 8.33
N GLU A 166 17.76 -10.75 8.57
CA GLU A 166 17.31 -12.11 8.84
C GLU A 166 17.35 -12.97 7.59
N TRP A 167 16.93 -12.44 6.46
CA TRP A 167 16.97 -13.20 5.21
C TRP A 167 18.39 -13.40 4.69
N LEU A 168 19.25 -12.40 4.85
CA LEU A 168 20.66 -12.56 4.46
C LEU A 168 21.29 -13.72 5.21
N HIS A 169 21.00 -13.79 6.52
CA HIS A 169 21.47 -14.88 7.38
C HIS A 169 21.07 -16.24 6.81
N ARG A 170 19.77 -16.41 6.54
CA ARG A 170 19.24 -17.62 5.96
C ARG A 170 19.89 -17.97 4.61
N TYR A 171 20.08 -16.97 3.76
CA TYR A 171 20.67 -17.21 2.44
C TYR A 171 22.11 -17.66 2.54
N LEU A 172 22.85 -17.10 3.49
CA LEU A 172 24.26 -17.48 3.68
C LEU A 172 24.39 -18.91 4.18
N LYS A 173 23.49 -19.33 5.06
CA LYS A 173 23.50 -20.71 5.57
C LYS A 173 23.18 -21.71 4.45
N ASN A 174 22.15 -21.41 3.66
CA ASN A 174 21.78 -22.22 2.49
C ASN A 174 22.85 -22.27 1.39
N GLY A 175 23.62 -21.19 1.25
CA GLY A 175 24.61 -21.10 0.18
C GLY A 175 26.04 -21.25 0.67
N ASN A 176 26.25 -22.07 1.68
CA ASN A 176 27.55 -22.15 2.35
C ASN A 176 28.65 -22.81 1.51
N ALA A 177 28.46 -24.08 1.18
CA ALA A 177 29.41 -24.81 0.32
C ALA A 177 29.43 -24.24 -1.11
N THR A 178 28.37 -23.55 -1.49
CA THR A 178 28.25 -22.92 -2.81
C THR A 178 28.97 -21.57 -2.87
N LEU A 179 28.85 -20.75 -1.82
CA LEU A 179 29.51 -19.44 -1.79
C LEU A 179 31.03 -19.54 -1.64
N LEU A 180 31.49 -20.54 -0.89
CA LEU A 180 32.93 -20.69 -0.64
C LEU A 180 33.76 -21.06 -1.88
N ARG A 181 33.14 -21.66 -2.90
CA ARG A 181 33.85 -22.12 -4.11
C ARG A 181 34.76 -21.05 -4.73
N THR A 182 35.95 -21.49 -5.16
CA THR A 182 36.91 -20.61 -5.83
C THR A 182 37.53 -21.31 -7.04
N ASP A 183 37.98 -20.50 -7.99
CA ASP A 183 38.84 -20.95 -9.07
C ASP A 183 40.09 -20.07 -9.06
N SER A 184 41.25 -20.70 -8.90
CA SER A 184 42.51 -19.97 -8.90
C SER A 184 42.84 -19.39 -10.27
N PRO A 185 43.51 -18.22 -10.31
CA PRO A 185 43.97 -17.74 -11.60
C PRO A 185 45.11 -18.59 -12.11
N LYS A 186 45.18 -18.74 -13.42
CA LYS A 186 46.37 -19.26 -14.07
C LYS A 186 47.00 -18.07 -14.81
N ALA A 187 48.29 -17.85 -14.58
CA ALA A 187 48.94 -16.64 -15.02
C ALA A 187 50.12 -16.93 -15.91
N HIS A 188 50.45 -15.94 -16.73
CA HIS A 188 51.64 -15.99 -17.56
C HIS A 188 51.95 -14.59 -18.07
N VAL A 189 53.16 -14.40 -18.54
CA VAL A 189 53.63 -13.11 -19.03
C VAL A 189 53.91 -13.21 -20.52
N THR A 190 53.43 -12.22 -21.27
CA THR A 190 53.72 -12.11 -22.69
C THR A 190 54.55 -10.86 -22.96
N HIS A 191 55.17 -10.85 -24.14
CA HIS A 191 56.26 -9.95 -24.46
C HIS A 191 55.94 -9.32 -25.81
N HIS A 192 55.84 -7.99 -25.83
CA HIS A 192 55.35 -7.28 -27.02
C HIS A 192 56.25 -6.10 -27.36
N PRO A 193 57.17 -6.29 -28.33
CA PRO A 193 58.01 -5.18 -28.78
C PRO A 193 57.12 -4.04 -29.30
N ARG A 194 57.53 -2.81 -29.04
CA ARG A 194 56.76 -1.63 -29.43
C ARG A 194 57.72 -0.46 -29.55
N SER A 195 58.87 -0.76 -30.10
CA SER A 195 60.10 -0.20 -29.62
C SER A 195 60.51 1.18 -30.09
N LYS A 196 60.74 2.06 -29.11
CA LYS A 196 61.86 2.99 -29.17
C LYS A 196 62.93 2.31 -28.30
N GLY A 197 63.27 1.08 -28.69
CA GLY A 197 64.01 0.16 -27.81
C GLY A 197 63.24 -0.27 -26.56
N GLU A 198 61.91 -0.36 -26.65
CA GLU A 198 61.06 -0.71 -25.52
C GLU A 198 60.18 -1.91 -25.82
N VAL A 199 59.71 -2.55 -24.76
CA VAL A 199 58.77 -3.65 -24.91
C VAL A 199 57.71 -3.57 -23.80
N THR A 200 56.51 -4.03 -24.14
CA THR A 200 55.44 -4.16 -23.18
C THR A 200 55.47 -5.58 -22.64
N LEU A 201 55.57 -5.71 -21.33
CA LEU A 201 55.35 -6.99 -20.67
C LEU A 201 53.94 -6.94 -20.15
N ARG A 202 53.17 -7.98 -20.44
CA ARG A 202 51.78 -8.06 -20.04
C ARG A 202 51.63 -9.31 -19.19
N CYS A 203 51.17 -9.10 -17.96
CA CYS A 203 50.92 -10.19 -17.05
C CYS A 203 49.43 -10.53 -17.07
N TRP A 204 49.12 -11.77 -17.43
CA TRP A 204 47.75 -12.23 -17.57
C TRP A 204 47.33 -13.07 -16.37
N ALA A 205 46.09 -12.92 -15.93
CA ALA A 205 45.47 -13.89 -15.02
C ALA A 205 44.13 -14.32 -15.60
N LEU A 206 43.92 -15.64 -15.67
CA LEU A 206 42.77 -16.20 -16.38
C LEU A 206 42.05 -17.30 -15.59
N GLY A 207 40.74 -17.39 -15.80
CA GLY A 207 39.93 -18.50 -15.30
C GLY A 207 39.70 -18.48 -13.80
N PHE A 208 39.69 -17.29 -13.20
CA PHE A 208 39.59 -17.18 -11.75
C PHE A 208 38.20 -16.75 -11.26
N TYR A 209 37.90 -17.13 -10.02
CA TYR A 209 36.66 -16.77 -9.35
C TYR A 209 36.92 -16.77 -7.84
N PRO A 210 36.40 -15.76 -7.10
CA PRO A 210 35.58 -14.65 -7.56
C PRO A 210 36.42 -13.62 -8.32
N ALA A 211 35.79 -12.55 -8.75
CA ALA A 211 36.45 -11.55 -9.59
C ALA A 211 37.56 -10.77 -8.89
N ASP A 212 37.51 -10.66 -7.56
CA ASP A 212 38.51 -9.89 -6.81
C ASP A 212 39.90 -10.46 -7.00
N ILE A 213 40.85 -9.60 -7.33
CA ILE A 213 42.21 -10.02 -7.64
C ILE A 213 43.10 -8.79 -7.63
N THR A 214 44.39 -8.98 -7.36
CA THR A 214 45.35 -7.87 -7.45
C THR A 214 46.57 -8.31 -8.24
N LEU A 215 46.93 -7.54 -9.27
CA LEU A 215 48.12 -7.80 -10.06
C LEU A 215 49.13 -6.69 -9.79
N THR A 216 50.38 -7.06 -9.54
CA THR A 216 51.43 -6.06 -9.34
C THR A 216 52.61 -6.41 -10.22
N TRP A 217 53.32 -5.37 -10.64
CA TRP A 217 54.61 -5.54 -11.29
C TRP A 217 55.65 -4.97 -10.37
N GLN A 218 56.83 -5.57 -10.38
CA GLN A 218 57.93 -5.06 -9.58
C GLN A 218 59.27 -5.19 -10.31
N LEU A 219 60.22 -4.38 -9.87
CA LEU A 219 61.56 -4.40 -10.39
C LEU A 219 62.48 -4.38 -9.19
N ASN A 220 63.35 -5.38 -9.11
CA ASN A 220 64.36 -5.43 -8.06
C ASN A 220 63.78 -5.20 -6.65
N GLY A 221 62.57 -5.73 -6.41
CA GLY A 221 61.94 -5.66 -5.08
C GLY A 221 61.07 -4.44 -4.81
N GLU A 222 60.97 -3.52 -5.77
CA GLU A 222 60.10 -2.36 -5.63
C GLU A 222 58.84 -2.53 -6.47
N GLU A 223 57.69 -2.29 -5.85
CA GLU A 223 56.43 -2.14 -6.56
C GLU A 223 56.58 -1.04 -7.61
N LEU A 224 56.01 -1.26 -8.79
CA LEU A 224 55.94 -0.23 -9.84
C LEU A 224 54.57 0.44 -9.83
N THR A 225 54.55 1.72 -9.44
CA THR A 225 53.31 2.48 -9.23
C THR A 225 52.79 3.10 -10.52
N GLN A 226 53.67 3.79 -11.23
CA GLN A 226 53.29 4.58 -12.39
C GLN A 226 53.64 3.85 -13.68
N ASP A 227 53.17 4.41 -14.79
CA ASP A 227 53.47 3.91 -16.14
C ASP A 227 53.05 2.44 -16.35
N MET A 228 52.05 2.01 -15.58
CA MET A 228 51.59 0.62 -15.58
C MET A 228 50.10 0.59 -15.93
N GLU A 229 49.76 -0.09 -17.02
CA GLU A 229 48.37 -0.17 -17.49
C GLU A 229 47.64 -1.39 -16.90
N LEU A 230 46.44 -1.17 -16.40
CA LEU A 230 45.67 -2.19 -15.68
C LEU A 230 44.24 -2.21 -16.22
N VAL A 231 43.85 -3.25 -16.96
CA VAL A 231 42.48 -3.31 -17.51
C VAL A 231 41.47 -3.72 -16.45
N GLU A 232 40.23 -3.23 -16.61
CA GLU A 232 39.14 -3.62 -15.74
C GLU A 232 38.94 -5.13 -15.85
N THR A 233 38.76 -5.77 -14.72
CA THR A 233 38.46 -7.20 -14.67
C THR A 233 37.22 -7.49 -15.52
N ARG A 234 37.26 -8.59 -16.26
CA ARG A 234 36.26 -8.88 -17.29
C ARG A 234 35.83 -10.34 -17.20
N PRO A 235 34.55 -10.61 -17.50
CA PRO A 235 34.09 -12.00 -17.43
C PRO A 235 34.47 -12.79 -18.68
N ALA A 236 34.94 -14.02 -18.50
CA ALA A 236 35.21 -14.92 -19.64
C ALA A 236 33.93 -15.40 -20.29
N GLY A 237 32.83 -15.38 -19.52
CA GLY A 237 31.51 -15.74 -20.02
C GLY A 237 31.08 -17.10 -19.50
N ASP A 238 31.99 -17.81 -18.84
CA ASP A 238 31.72 -19.15 -18.28
C ASP A 238 31.63 -19.13 -16.75
N GLY A 239 31.49 -17.95 -16.17
CA GLY A 239 31.48 -17.81 -14.72
C GLY A 239 32.85 -17.49 -14.13
N THR A 240 33.91 -17.55 -14.95
CA THR A 240 35.25 -17.12 -14.52
C THR A 240 35.58 -15.74 -15.05
N PHE A 241 36.67 -15.16 -14.55
CA PHE A 241 37.10 -13.80 -14.91
C PHE A 241 38.52 -13.76 -15.45
N GLN A 242 38.88 -12.60 -16.02
CA GLN A 242 40.20 -12.40 -16.59
C GLN A 242 40.67 -11.00 -16.27
N LYS A 243 41.99 -10.84 -16.19
CA LYS A 243 42.56 -9.52 -16.00
C LYS A 243 44.00 -9.52 -16.51
N TRP A 244 44.50 -8.35 -16.90
CA TRP A 244 45.92 -8.20 -17.13
C TRP A 244 46.44 -6.85 -16.69
N ALA A 245 47.73 -6.83 -16.42
CA ALA A 245 48.47 -5.62 -16.12
C ALA A 245 49.75 -5.64 -16.93
N SER A 246 50.13 -4.48 -17.46
CA SER A 246 51.33 -4.37 -18.28
C SER A 246 52.20 -3.21 -17.83
N VAL A 247 53.49 -3.35 -18.12
CA VAL A 247 54.45 -2.28 -17.94
C VAL A 247 55.27 -2.17 -19.22
N VAL A 248 55.79 -0.97 -19.49
CA VAL A 248 56.71 -0.74 -20.61
C VAL A 248 58.13 -0.73 -20.03
N VAL A 249 59.03 -1.51 -20.60
CA VAL A 249 60.38 -1.70 -20.05
C VAL A 249 61.44 -1.61 -21.15
N PRO A 250 62.70 -1.31 -20.79
CA PRO A 250 63.76 -1.27 -21.80
C PRO A 250 64.08 -2.63 -22.40
N LEU A 251 64.29 -2.68 -23.71
CA LEU A 251 64.71 -3.90 -24.39
C LEU A 251 66.03 -4.39 -23.77
N GLY A 252 66.07 -5.66 -23.34
CA GLY A 252 67.24 -6.25 -22.68
C GLY A 252 67.09 -6.47 -21.17
N LYS A 253 66.16 -5.74 -20.55
CA LYS A 253 65.95 -5.81 -19.08
C LYS A 253 64.70 -6.60 -18.67
N GLU A 254 64.01 -7.19 -19.62
CA GLU A 254 62.69 -7.82 -19.39
C GLU A 254 62.70 -8.86 -18.26
N GLN A 255 63.82 -9.56 -18.12
CA GLN A 255 63.97 -10.64 -17.14
C GLN A 255 64.03 -10.12 -15.71
N ASN A 256 64.35 -8.84 -15.55
CA ASN A 256 64.42 -8.22 -14.23
C ASN A 256 63.05 -7.94 -13.60
N TYR A 257 61.99 -7.98 -14.41
CA TYR A 257 60.65 -7.65 -13.93
C TYR A 257 59.87 -8.89 -13.57
N THR A 258 59.14 -8.81 -12.46
CA THR A 258 58.31 -9.91 -12.02
C THR A 258 56.90 -9.41 -11.73
N CYS A 259 55.93 -10.25 -12.06
CA CYS A 259 54.55 -9.96 -11.78
C CYS A 259 54.16 -10.80 -10.58
N ARG A 260 53.30 -10.25 -9.71
CA ARG A 260 52.68 -11.01 -8.63
C ARG A 260 51.17 -11.04 -8.79
N VAL A 261 50.57 -12.17 -8.45
CA VAL A 261 49.12 -12.34 -8.54
C VAL A 261 48.57 -12.84 -7.21
N TYR A 262 47.69 -12.02 -6.63
CA TYR A 262 47.06 -12.29 -5.36
C TYR A 262 45.61 -12.61 -5.62
N HIS A 263 45.18 -13.78 -5.15
CA HIS A 263 43.79 -14.19 -5.25
C HIS A 263 43.45 -15.18 -4.12
N GLU A 264 42.20 -15.11 -3.63
CA GLU A 264 41.69 -15.96 -2.54
C GLU A 264 41.92 -17.47 -2.75
N GLY A 265 41.48 -17.97 -3.90
CA GLY A 265 41.63 -19.37 -4.27
C GLY A 265 43.04 -19.94 -4.24
N LEU A 266 44.04 -19.07 -4.32
CA LEU A 266 45.45 -19.49 -4.29
C LEU A 266 45.87 -20.00 -2.92
N PRO A 267 46.83 -20.94 -2.88
CA PRO A 267 47.45 -21.28 -1.61
C PRO A 267 48.47 -20.20 -1.19
N GLU A 268 48.97 -19.48 -2.18
CA GLU A 268 50.07 -18.55 -2.00
C GLU A 268 50.03 -17.62 -3.21
N PRO A 269 50.42 -16.34 -3.05
CA PRO A 269 50.47 -15.46 -4.24
C PRO A 269 51.43 -16.00 -5.31
N LEU A 270 50.99 -15.98 -6.56
CA LEU A 270 51.84 -16.39 -7.67
C LEU A 270 52.86 -15.31 -7.97
N THR A 271 54.06 -15.74 -8.31
CA THR A 271 55.13 -14.85 -8.74
C THR A 271 55.69 -15.42 -10.05
N LEU A 272 55.80 -14.56 -11.05
CA LEU A 272 56.24 -15.00 -12.36
C LEU A 272 56.86 -13.88 -13.18
N ARG A 273 57.46 -14.30 -14.29
CA ARG A 273 58.37 -13.47 -15.04
C ARG A 273 58.24 -13.91 -16.48
N TRP A 274 58.65 -13.06 -17.40
CA TRP A 274 58.71 -13.47 -18.79
C TRP A 274 59.70 -14.64 -18.92
N GLU A 275 59.22 -15.75 -19.47
CA GLU A 275 60.05 -16.95 -19.65
C GLU A 275 60.20 -17.21 -21.14
N PRO A 276 61.33 -16.76 -21.73
CA PRO A 276 61.54 -16.89 -23.17
C PRO A 276 61.66 -18.32 -23.65
N GLN B 22 25.10 11.45 -17.39
CA GLN B 22 25.36 10.57 -18.59
C GLN B 22 26.82 10.09 -18.60
N LYS B 23 27.03 8.83 -18.98
CA LYS B 23 28.36 8.20 -18.92
C LYS B 23 28.67 7.40 -20.18
N THR B 24 29.89 7.57 -20.70
CA THR B 24 30.32 6.94 -21.95
C THR B 24 30.72 5.48 -21.78
N PRO B 25 30.21 4.59 -22.65
CA PRO B 25 30.56 3.18 -22.51
C PRO B 25 32.06 2.89 -22.72
N GLN B 26 32.59 2.06 -21.83
CA GLN B 26 33.94 1.55 -21.96
C GLN B 26 33.79 0.16 -22.54
N ILE B 27 34.68 -0.20 -23.45
CA ILE B 27 34.51 -1.41 -24.24
C ILE B 27 35.77 -2.26 -24.21
N GLN B 28 35.60 -3.57 -24.04
CA GLN B 28 36.71 -4.53 -24.19
C GLN B 28 36.28 -5.65 -25.11
N VAL B 29 37.15 -5.98 -26.07
CA VAL B 29 36.92 -7.11 -26.96
C VAL B 29 38.02 -8.14 -26.74
N TYR B 30 37.64 -9.39 -26.53
CA TYR B 30 38.59 -10.44 -26.13
C TYR B 30 37.96 -11.81 -26.20
N SER B 31 38.78 -12.85 -26.26
CA SER B 31 38.26 -14.22 -26.36
C SER B 31 38.13 -14.86 -24.97
N ARG B 32 37.21 -15.82 -24.86
CA ARG B 32 37.05 -16.58 -23.63
C ARG B 32 38.32 -17.34 -23.31
N HIS B 33 38.76 -18.13 -24.30
CA HIS B 33 39.94 -18.98 -24.14
C HIS B 33 41.12 -18.42 -24.93
N PRO B 34 42.36 -18.82 -24.55
CA PRO B 34 43.52 -18.38 -25.32
C PRO B 34 43.31 -18.65 -26.81
N PRO B 35 43.53 -17.62 -27.66
CA PRO B 35 43.21 -17.79 -29.08
C PRO B 35 44.25 -18.64 -29.81
N GLU B 36 43.79 -19.72 -30.44
CA GLU B 36 44.61 -20.53 -31.34
C GLU B 36 43.90 -20.51 -32.68
N ASN B 37 44.44 -19.77 -33.64
CA ASN B 37 43.71 -19.58 -34.90
C ASN B 37 43.54 -20.92 -35.61
N GLY B 38 42.31 -21.19 -36.04
CA GLY B 38 41.92 -22.50 -36.50
C GLY B 38 41.03 -23.22 -35.50
N LYS B 39 41.12 -22.87 -34.21
CA LYS B 39 40.37 -23.55 -33.15
C LYS B 39 39.16 -22.72 -32.71
N PRO B 40 37.97 -23.36 -32.66
CA PRO B 40 36.76 -22.62 -32.30
C PRO B 40 36.81 -22.10 -30.86
N ASN B 41 36.18 -20.95 -30.66
CA ASN B 41 36.34 -20.17 -29.44
C ASN B 41 35.14 -19.23 -29.27
N ILE B 42 35.12 -18.42 -28.22
CA ILE B 42 34.05 -17.45 -28.00
C ILE B 42 34.69 -16.07 -27.95
N LEU B 43 34.14 -15.13 -28.70
CA LEU B 43 34.59 -13.75 -28.67
C LEU B 43 33.63 -12.93 -27.81
N ASN B 44 34.19 -12.16 -26.88
CA ASN B 44 33.40 -11.33 -25.96
C ASN B 44 33.51 -9.85 -26.27
N CYS B 45 32.41 -9.14 -26.08
CA CYS B 45 32.39 -7.68 -26.08
C CYS B 45 31.74 -7.22 -24.78
N TYR B 46 32.59 -6.81 -23.83
CA TYR B 46 32.15 -6.36 -22.51
C TYR B 46 32.06 -4.84 -22.51
N VAL B 47 30.84 -4.34 -22.30
CA VAL B 47 30.57 -2.91 -22.36
C VAL B 47 30.12 -2.47 -20.99
N THR B 48 30.79 -1.44 -20.44
CA THR B 48 30.55 -1.03 -19.09
C THR B 48 30.43 0.49 -18.94
N GLN B 49 30.04 0.93 -17.75
CA GLN B 49 30.10 2.33 -17.35
C GLN B 49 29.24 3.25 -18.21
N PHE B 50 28.10 2.75 -18.67
CA PHE B 50 27.21 3.57 -19.49
C PHE B 50 25.88 3.92 -18.81
N HIS B 51 25.38 5.09 -19.19
CA HIS B 51 24.09 5.58 -18.73
C HIS B 51 23.66 6.67 -19.71
N PRO B 52 22.42 6.60 -20.22
CA PRO B 52 21.32 5.69 -19.91
C PRO B 52 21.54 4.25 -20.39
N PRO B 53 20.69 3.32 -19.94
CA PRO B 53 20.85 1.89 -20.24
C PRO B 53 20.55 1.46 -21.68
N HIS B 54 19.82 2.29 -22.43
CA HIS B 54 19.58 1.97 -23.85
C HIS B 54 20.91 2.05 -24.58
N ILE B 55 21.23 0.98 -25.29
CA ILE B 55 22.47 0.89 -26.01
C ILE B 55 22.27 -0.10 -27.14
N GLU B 56 23.02 0.08 -28.22
CA GLU B 56 22.98 -0.85 -29.32
C GLU B 56 24.38 -1.39 -29.55
N ILE B 57 24.50 -2.72 -29.61
CA ILE B 57 25.80 -3.38 -29.70
C ILE B 57 25.79 -4.41 -30.82
N GLN B 58 26.77 -4.30 -31.72
CA GLN B 58 26.96 -5.27 -32.79
C GLN B 58 28.35 -5.87 -32.71
N MET B 59 28.47 -7.13 -33.12
CA MET B 59 29.78 -7.74 -33.30
C MET B 59 29.97 -7.97 -34.80
N LEU B 60 31.19 -7.73 -35.26
CA LEU B 60 31.52 -7.74 -36.68
C LEU B 60 32.63 -8.72 -37.00
N LYS B 61 32.51 -9.35 -38.17
CA LYS B 61 33.59 -10.12 -38.78
C LYS B 61 33.92 -9.47 -40.12
N ASN B 62 35.13 -8.93 -40.24
CA ASN B 62 35.54 -8.19 -41.43
C ASN B 62 34.55 -7.09 -41.82
N GLY B 63 34.11 -6.33 -40.83
CA GLY B 63 33.22 -5.20 -41.05
C GLY B 63 31.76 -5.56 -41.23
N LYS B 64 31.44 -6.86 -41.23
CA LYS B 64 30.05 -7.34 -41.40
C LYS B 64 29.44 -7.85 -40.10
N LYS B 65 28.18 -7.47 -39.86
CA LYS B 65 27.43 -7.88 -38.69
C LYS B 65 27.36 -9.41 -38.58
N ILE B 66 27.71 -9.93 -37.41
CA ILE B 66 27.56 -11.35 -37.09
C ILE B 66 26.12 -11.54 -36.59
N PRO B 67 25.42 -12.58 -37.08
CA PRO B 67 23.99 -12.75 -36.80
C PRO B 67 23.67 -13.45 -35.48
N LYS B 68 24.51 -14.40 -35.07
CA LYS B 68 24.27 -15.17 -33.85
C LYS B 68 25.04 -14.50 -32.73
N VAL B 69 24.44 -13.49 -32.10
CA VAL B 69 25.09 -12.79 -30.99
C VAL B 69 24.21 -12.85 -29.76
N GLU B 70 24.77 -13.36 -28.67
CA GLU B 70 24.03 -13.49 -27.41
C GLU B 70 24.35 -12.31 -26.52
N MET B 71 23.30 -11.74 -25.93
CA MET B 71 23.41 -10.63 -24.99
C MET B 71 23.05 -11.15 -23.64
N SER B 72 23.93 -10.91 -22.66
CA SER B 72 23.62 -11.19 -21.26
C SER B 72 22.52 -10.26 -20.78
N ASP B 73 21.96 -10.58 -19.62
CA ASP B 73 21.05 -9.68 -18.95
C ASP B 73 21.83 -8.44 -18.56
N MET B 74 21.13 -7.31 -18.47
CA MET B 74 21.80 -6.07 -18.09
C MET B 74 21.74 -5.89 -16.59
N SER B 75 22.81 -5.30 -16.08
CA SER B 75 22.99 -5.08 -14.68
C SER B 75 23.52 -3.66 -14.50
N PHE B 76 23.49 -3.16 -13.27
CA PHE B 76 24.18 -1.92 -12.97
C PHE B 76 25.09 -1.99 -11.75
N SER B 77 26.02 -1.04 -11.69
CA SER B 77 27.09 -0.97 -10.72
C SER B 77 26.76 0.05 -9.64
N LYS B 78 27.62 0.12 -8.63
CA LYS B 78 27.33 0.91 -7.42
C LYS B 78 27.35 2.41 -7.72
N ASP B 79 27.95 2.80 -8.85
CA ASP B 79 27.90 4.20 -9.32
C ASP B 79 26.69 4.45 -10.25
N TRP B 80 25.74 3.51 -10.28
CA TRP B 80 24.51 3.58 -11.08
C TRP B 80 24.71 3.21 -12.55
N SER B 81 25.95 3.04 -13.01
CA SER B 81 26.20 2.81 -14.44
C SER B 81 25.97 1.35 -14.80
N PHE B 82 25.58 1.14 -16.04
CA PHE B 82 25.16 -0.17 -16.55
C PHE B 82 26.30 -0.93 -17.21
N TYR B 83 26.14 -2.25 -17.28
CA TYR B 83 27.12 -3.09 -17.95
C TYR B 83 26.45 -4.36 -18.51
N ILE B 84 27.05 -4.88 -19.56
CA ILE B 84 26.46 -5.98 -20.31
C ILE B 84 27.56 -6.70 -21.08
N LEU B 85 27.34 -7.97 -21.36
CA LEU B 85 28.28 -8.78 -22.08
C LEU B 85 27.62 -9.36 -23.30
N ALA B 86 28.18 -9.04 -24.47
CA ALA B 86 27.77 -9.63 -25.72
C ALA B 86 28.81 -10.67 -26.10
N HIS B 87 28.36 -11.76 -26.70
CA HIS B 87 29.32 -12.72 -27.23
C HIS B 87 28.79 -13.49 -28.41
N THR B 88 29.72 -14.15 -29.09
CA THR B 88 29.39 -14.98 -30.22
C THR B 88 30.49 -16.01 -30.39
N GLU B 89 30.13 -17.14 -30.98
CA GLU B 89 31.09 -18.16 -31.30
C GLU B 89 31.94 -17.66 -32.47
N PHE B 90 33.22 -18.00 -32.47
CA PHE B 90 34.07 -17.66 -33.59
C PHE B 90 35.30 -18.56 -33.66
N THR B 91 35.82 -18.72 -34.87
CA THR B 91 37.05 -19.43 -35.08
C THR B 91 38.01 -18.42 -35.70
N PRO B 92 38.97 -17.94 -34.89
CA PRO B 92 39.86 -16.91 -35.42
C PRO B 92 40.80 -17.49 -36.48
N THR B 93 41.16 -16.67 -37.45
CA THR B 93 42.17 -17.03 -38.44
C THR B 93 43.24 -15.96 -38.36
N GLU B 94 44.23 -16.02 -39.25
CA GLU B 94 45.32 -15.05 -39.20
C GLU B 94 44.92 -13.71 -39.81
N THR B 95 44.00 -13.72 -40.78
CA THR B 95 43.66 -12.51 -41.53
C THR B 95 42.27 -11.91 -41.23
N ASP B 96 41.33 -12.74 -40.76
CA ASP B 96 39.98 -12.26 -40.41
C ASP B 96 40.00 -11.25 -39.26
N THR B 97 39.38 -10.09 -39.45
CA THR B 97 39.27 -9.10 -38.38
C THR B 97 37.91 -9.23 -37.68
N TYR B 98 37.92 -9.01 -36.37
CA TYR B 98 36.71 -9.03 -35.57
C TYR B 98 36.64 -7.73 -34.77
N ALA B 99 35.42 -7.23 -34.55
CA ALA B 99 35.23 -5.97 -33.83
C ALA B 99 33.87 -5.91 -33.12
N CYS B 100 33.77 -4.90 -32.26
CA CYS B 100 32.52 -4.60 -31.58
C CYS B 100 32.17 -3.15 -31.85
N ARG B 101 30.92 -2.93 -32.20
CA ARG B 101 30.46 -1.61 -32.62
C ARG B 101 29.32 -1.20 -31.70
N VAL B 102 29.46 -0.02 -31.08
CA VAL B 102 28.55 0.38 -30.03
C VAL B 102 27.99 1.78 -30.27
N LYS B 103 26.67 1.88 -30.15
CA LYS B 103 25.95 3.12 -30.36
C LYS B 103 25.27 3.46 -29.04
N HIS B 104 25.53 4.68 -28.56
CA HIS B 104 24.99 5.15 -27.28
C HIS B 104 24.85 6.67 -27.28
N ASP B 105 23.83 7.18 -26.58
CA ASP B 105 23.50 8.62 -26.58
C ASP B 105 24.62 9.52 -26.06
N SER B 106 25.48 8.99 -25.20
CA SER B 106 26.65 9.73 -24.74
C SER B 106 27.61 10.14 -25.85
N MET B 107 27.55 9.44 -26.98
CA MET B 107 28.53 9.64 -28.05
C MET B 107 27.90 10.19 -29.31
N ALA B 108 28.55 11.21 -29.87
CA ALA B 108 28.15 11.82 -31.13
C ALA B 108 28.01 10.76 -32.22
N GLU B 109 28.93 9.81 -32.26
CA GLU B 109 28.92 8.79 -33.28
C GLU B 109 29.26 7.43 -32.66
N PRO B 110 29.00 6.33 -33.39
CA PRO B 110 29.32 5.02 -32.84
C PRO B 110 30.82 4.82 -32.63
N LYS B 111 31.18 3.98 -31.66
CA LYS B 111 32.58 3.62 -31.44
C LYS B 111 32.78 2.18 -31.89
N THR B 112 33.79 1.95 -32.73
CA THR B 112 34.17 0.60 -33.14
C THR B 112 35.50 0.23 -32.49
N VAL B 113 35.53 -0.94 -31.86
CA VAL B 113 36.73 -1.45 -31.18
C VAL B 113 37.07 -2.81 -31.77
N TYR B 114 38.29 -2.92 -32.31
CA TYR B 114 38.72 -4.15 -32.98
C TYR B 114 39.33 -5.10 -31.98
N TRP B 115 39.15 -6.40 -32.22
CA TRP B 115 39.76 -7.43 -31.39
C TRP B 115 41.26 -7.48 -31.66
N ASP B 116 42.05 -7.39 -30.59
CA ASP B 116 43.49 -7.59 -30.63
C ASP B 116 43.81 -8.77 -29.73
N ARG B 117 44.37 -9.84 -30.28
CA ARG B 117 44.56 -11.07 -29.52
C ARG B 117 45.58 -10.94 -28.37
N ASP B 118 46.35 -9.87 -28.36
CA ASP B 118 47.34 -9.63 -27.33
C ASP B 118 46.79 -8.81 -26.17
N MET B 119 45.47 -8.61 -26.15
CA MET B 119 44.84 -7.77 -25.14
C MET B 119 43.48 -8.29 -24.74
N GLN C 9 -10.52 -16.95 6.05
CA GLN C 9 -10.20 -15.50 6.30
C GLN C 9 -9.01 -15.33 7.26
N GLN C 10 -8.09 -14.44 6.87
CA GLN C 10 -6.80 -14.32 7.53
C GLN C 10 -6.81 -13.45 8.78
N VAL C 11 -7.77 -12.53 8.88
CA VAL C 11 -7.90 -11.67 10.05
C VAL C 11 -9.23 -11.95 10.75
N ARG C 12 -9.15 -12.43 11.99
CA ARG C 12 -10.32 -12.81 12.76
C ARG C 12 -10.56 -11.78 13.86
N GLN C 13 -11.72 -11.14 13.83
CA GLN C 13 -12.06 -10.11 14.78
C GLN C 13 -13.39 -10.41 15.45
N SER C 14 -13.35 -10.68 16.76
CA SER C 14 -14.53 -10.87 17.59
C SER C 14 -14.41 -10.01 18.84
N PRO C 15 -15.53 -9.68 19.50
CA PRO C 15 -16.89 -10.06 19.15
C PRO C 15 -17.47 -9.11 18.11
N GLN C 16 -18.70 -9.40 17.68
CA GLN C 16 -19.39 -8.53 16.72
C GLN C 16 -19.69 -7.18 17.34
N SER C 17 -20.15 -7.19 18.60
CA SER C 17 -20.43 -5.94 19.30
C SER C 17 -20.03 -6.06 20.77
N LEU C 18 -19.62 -4.93 21.35
CA LEU C 18 -19.18 -4.88 22.74
C LEU C 18 -19.62 -3.57 23.34
N THR C 19 -20.09 -3.63 24.58
CA THR C 19 -20.37 -2.44 25.36
C THR C 19 -19.45 -2.39 26.58
N VAL C 20 -18.88 -1.21 26.85
CA VAL C 20 -18.16 -0.98 28.11
C VAL C 20 -18.59 0.36 28.71
N TRP C 21 -18.49 0.45 30.03
CA TRP C 21 -18.96 1.62 30.77
C TRP C 21 -18.09 2.83 30.50
N GLU C 22 -18.71 4.00 30.40
CA GLU C 22 -17.97 5.25 30.24
C GLU C 22 -16.90 5.33 31.33
N GLY C 23 -15.70 5.76 30.95
CA GLY C 23 -14.58 5.85 31.88
C GLY C 23 -13.75 4.58 32.01
N GLY C 24 -14.34 3.43 31.69
CA GLY C 24 -13.62 2.16 31.71
C GLY C 24 -12.66 2.03 30.54
N THR C 25 -11.92 0.92 30.50
CA THR C 25 -10.95 0.69 29.45
C THR C 25 -11.41 -0.45 28.54
N THR C 26 -11.61 -0.13 27.26
CA THR C 26 -11.99 -1.13 26.28
C THR C 26 -10.74 -1.85 25.80
N VAL C 27 -10.83 -3.18 25.75
CA VAL C 27 -9.82 -3.99 25.09
C VAL C 27 -10.49 -4.67 23.89
N LEU C 28 -9.99 -4.35 22.70
CA LEU C 28 -10.42 -4.99 21.46
C LEU C 28 -9.29 -5.87 20.97
N THR C 29 -9.60 -7.11 20.61
CA THR C 29 -8.57 -8.02 20.13
C THR C 29 -8.88 -8.59 18.76
N CYS C 30 -7.81 -8.97 18.07
CA CYS C 30 -7.88 -9.64 16.79
C CYS C 30 -6.77 -10.68 16.73
N SER C 31 -6.98 -11.72 15.94
CA SER C 31 -5.93 -12.71 15.64
C SER C 31 -5.71 -12.78 14.13
N TYR C 32 -4.55 -13.29 13.72
CA TYR C 32 -4.25 -13.49 12.30
C TYR C 32 -3.55 -14.83 12.05
N GLU C 33 -3.67 -15.32 10.82
CA GLU C 33 -3.13 -16.64 10.47
C GLU C 33 -1.73 -16.54 9.88
N ASP C 34 -1.51 -15.60 8.97
CA ASP C 34 -0.24 -15.48 8.28
C ASP C 34 0.82 -14.90 9.20
N SER C 35 1.77 -15.74 9.62
CA SER C 35 2.83 -15.33 10.53
C SER C 35 3.77 -14.29 9.91
N THR C 36 3.78 -14.16 8.58
CA THR C 36 4.63 -13.15 7.92
C THR C 36 4.05 -11.73 7.91
N PHE C 37 2.75 -11.58 8.18
CA PHE C 37 2.15 -10.24 8.26
C PHE C 37 3.01 -9.36 9.16
N ASN C 38 3.35 -8.15 8.70
CA ASN C 38 4.25 -7.28 9.48
C ASN C 38 3.84 -5.81 9.62
N TYR C 39 2.64 -5.46 9.16
CA TYR C 39 2.07 -4.11 9.33
C TYR C 39 0.60 -4.21 9.70
N PHE C 40 0.21 -3.50 10.75
CA PHE C 40 -1.07 -3.71 11.40
C PHE C 40 -1.77 -2.39 11.74
N PRO C 41 -2.55 -1.86 10.77
CA PRO C 41 -3.30 -0.65 10.97
C PRO C 41 -4.70 -0.97 11.48
N TRP C 42 -5.20 -0.11 12.37
CA TRP C 42 -6.58 -0.17 12.83
C TRP C 42 -7.33 1.00 12.22
N TYR C 43 -8.54 0.74 11.75
CA TYR C 43 -9.38 1.78 11.18
C TYR C 43 -10.61 1.96 12.05
N GLN C 44 -11.05 3.22 12.19
CA GLN C 44 -12.20 3.58 13.02
C GLN C 44 -13.31 4.13 12.14
N GLN C 45 -14.52 3.59 12.30
CA GLN C 45 -15.67 3.98 11.48
C GLN C 45 -16.86 4.43 12.32
N PHE C 46 -17.20 5.71 12.22
CA PHE C 46 -18.34 6.29 12.91
C PHE C 46 -19.62 6.10 12.08
N PRO C 47 -20.79 6.01 12.75
CA PRO C 47 -22.03 5.79 11.99
C PRO C 47 -22.23 6.86 10.92
N GLY C 48 -22.60 6.41 9.72
CA GLY C 48 -22.84 7.34 8.61
C GLY C 48 -21.60 7.82 7.88
N GLU C 49 -20.41 7.38 8.31
CA GLU C 49 -19.14 7.80 7.69
C GLU C 49 -18.35 6.59 7.17
N GLY C 50 -17.26 6.88 6.47
CA GLY C 50 -16.32 5.84 6.05
C GLY C 50 -15.27 5.60 7.11
N PRO C 51 -14.56 4.46 7.02
CA PRO C 51 -13.44 4.19 7.93
C PRO C 51 -12.31 5.21 7.75
N ALA C 52 -11.56 5.45 8.82
CA ALA C 52 -10.38 6.28 8.77
C ALA C 52 -9.29 5.65 9.64
N LEU C 53 -8.04 5.77 9.21
CA LEU C 53 -6.92 5.17 9.92
C LEU C 53 -6.87 5.75 11.33
N LEU C 54 -6.86 4.88 12.32
CA LEU C 54 -6.83 5.31 13.72
C LEU C 54 -5.40 5.31 14.25
N ILE C 55 -4.76 4.16 14.11
CA ILE C 55 -3.42 3.95 14.65
C ILE C 55 -2.83 2.74 13.93
N SER C 56 -1.51 2.68 13.85
CA SER C 56 -0.85 1.57 13.18
C SER C 56 0.44 1.19 13.89
N ILE C 57 0.90 -0.03 13.64
CA ILE C 57 2.10 -0.52 14.28
C ILE C 57 2.80 -1.53 13.38
N LEU C 58 4.14 -1.52 13.38
CA LEU C 58 4.95 -2.51 12.67
C LEU C 58 5.34 -3.67 13.58
N SER C 59 5.61 -4.82 12.94
CA SER C 59 6.06 -6.05 13.59
C SER C 59 7.25 -5.89 14.56
N VAL C 60 8.12 -4.91 14.28
CA VAL C 60 9.31 -4.66 15.11
C VAL C 60 8.96 -4.05 16.48
N SER C 61 7.77 -3.46 16.60
CA SER C 61 7.33 -2.85 17.85
C SER C 61 6.41 -3.74 18.66
N ASP C 62 6.36 -3.48 19.96
CA ASP C 62 5.44 -4.13 20.89
C ASP C 62 4.16 -3.32 21.08
N LYS C 63 4.29 -2.00 21.03
CA LYS C 63 3.14 -1.13 21.25
C LYS C 63 3.33 0.22 20.62
N LYS C 64 2.20 0.87 20.37
CA LYS C 64 2.16 2.21 19.84
C LYS C 64 1.08 2.92 20.63
N GLU C 65 1.44 4.03 21.26
CA GLU C 65 0.52 4.80 22.07
C GLU C 65 0.21 6.11 21.37
N ASP C 66 -1.07 6.50 21.38
CA ASP C 66 -1.46 7.80 20.87
C ASP C 66 -2.66 8.35 21.65
N GLY C 67 -2.37 9.09 22.72
CA GLY C 67 -3.38 9.86 23.47
C GLY C 67 -3.79 8.70 24.37
N ARG C 68 -5.09 8.39 24.33
CA ARG C 68 -5.73 7.30 25.10
C ARG C 68 -5.85 5.97 24.35
N PHE C 69 -5.33 5.92 23.13
CA PHE C 69 -5.38 4.71 22.31
C PHE C 69 -4.02 4.03 22.31
N THR C 70 -4.00 2.72 22.56
CA THR C 70 -2.74 1.97 22.51
C THR C 70 -2.95 0.66 21.76
N THR C 71 -2.16 0.44 20.71
CA THR C 71 -2.11 -0.84 20.02
C THR C 71 -0.99 -1.71 20.58
N PHE C 72 -1.28 -2.98 20.82
CA PHE C 72 -0.28 -3.95 21.21
C PHE C 72 -0.21 -5.03 20.13
N PHE C 73 1.01 -5.49 19.88
CA PHE C 73 1.24 -6.55 18.91
C PHE C 73 1.97 -7.68 19.60
N ASN C 74 1.48 -8.90 19.39
CA ASN C 74 2.03 -10.08 20.03
C ASN C 74 2.35 -11.15 18.99
N LYS C 75 3.58 -11.10 18.49
CA LYS C 75 4.04 -11.95 17.40
C LYS C 75 3.81 -13.43 17.69
N ARG C 76 4.14 -13.86 18.89
CA ARG C 76 4.10 -15.29 19.22
C ARG C 76 2.68 -15.83 19.31
N GLU C 77 1.75 -15.05 19.86
CA GLU C 77 0.32 -15.42 19.87
C GLU C 77 -0.36 -15.14 18.54
N LYS C 78 0.26 -14.30 17.71
CA LYS C 78 -0.36 -13.75 16.51
C LYS C 78 -1.65 -13.01 16.86
N LYS C 79 -1.52 -12.08 17.80
CA LYS C 79 -2.64 -11.29 18.30
C LYS C 79 -2.31 -9.82 18.25
N LEU C 80 -3.31 -9.02 17.86
CA LEU C 80 -3.29 -7.58 17.98
C LEU C 80 -4.34 -7.17 18.99
N SER C 81 -4.15 -6.03 19.62
CA SER C 81 -5.22 -5.45 20.40
C SER C 81 -5.16 -3.94 20.40
N LEU C 82 -6.30 -3.33 20.69
CA LEU C 82 -6.41 -1.91 20.82
C LEU C 82 -7.01 -1.64 22.19
N HIS C 83 -6.32 -0.82 22.97
CA HIS C 83 -6.80 -0.43 24.28
C HIS C 83 -7.23 1.01 24.23
N ILE C 84 -8.44 1.30 24.71
CA ILE C 84 -8.87 2.68 24.90
C ILE C 84 -9.05 2.89 26.40
N ILE C 85 -8.24 3.78 26.96
CA ILE C 85 -8.36 4.14 28.38
C ILE C 85 -9.32 5.33 28.52
N ASP C 86 -10.01 5.39 29.65
CA ASP C 86 -11.04 6.41 29.88
C ASP C 86 -12.04 6.44 28.71
N SER C 87 -12.59 5.28 28.37
CA SER C 87 -13.52 5.16 27.24
C SER C 87 -14.68 6.14 27.38
N GLN C 88 -14.91 6.95 26.35
CA GLN C 88 -15.96 7.97 26.40
C GLN C 88 -16.95 7.81 25.22
N PRO C 89 -18.14 8.44 25.31
CA PRO C 89 -19.20 8.27 24.30
C PRO C 89 -18.76 8.50 22.86
N GLY C 90 -17.95 9.52 22.62
CA GLY C 90 -17.47 9.84 21.27
C GLY C 90 -16.56 8.80 20.65
N ASP C 91 -16.16 7.78 21.42
CA ASP C 91 -15.36 6.67 20.91
C ASP C 91 -16.21 5.52 20.37
N SER C 92 -17.51 5.55 20.63
CA SER C 92 -18.37 4.48 20.13
C SER C 92 -18.38 4.52 18.59
N ALA C 93 -17.94 3.42 18.01
CA ALA C 93 -17.75 3.33 16.57
C ALA C 93 -17.47 1.87 16.26
N THR C 94 -17.31 1.58 14.97
CA THR C 94 -16.83 0.27 14.54
C THR C 94 -15.32 0.34 14.35
N TYR C 95 -14.62 -0.59 14.99
CA TYR C 95 -13.16 -0.66 14.91
C TYR C 95 -12.76 -1.87 14.08
N PHE C 96 -11.97 -1.60 13.04
CA PHE C 96 -11.44 -2.65 12.16
C PHE C 96 -9.95 -2.83 12.40
N CYS C 97 -9.54 -4.02 12.80
CA CYS C 97 -8.12 -4.37 12.73
C CYS C 97 -7.83 -4.76 11.31
N ALA C 98 -6.56 -4.70 10.95
CA ALA C 98 -6.15 -5.05 9.61
C ALA C 98 -4.72 -5.54 9.64
N ALA C 99 -4.29 -6.15 8.54
CA ALA C 99 -2.99 -6.78 8.51
C ALA C 99 -2.55 -7.02 7.08
N LEU C 100 -1.25 -6.88 6.86
CA LEU C 100 -0.63 -7.22 5.59
C LEU C 100 0.85 -7.54 5.79
N TYR C 101 1.43 -8.19 4.79
CA TYR C 101 2.89 -8.30 4.66
C TYR C 101 3.36 -7.36 3.56
N GLY C 102 4.47 -6.66 3.82
CA GLY C 102 5.21 -5.97 2.77
C GLY C 102 4.42 -4.88 2.07
N ASN C 103 4.28 -5.01 0.76
CA ASN C 103 3.40 -4.16 -0.04
C ASN C 103 2.15 -4.84 -0.57
N GLU C 104 1.78 -5.98 0.04
CA GLU C 104 0.61 -6.71 -0.39
C GLU C 104 -0.62 -5.95 0.05
N LYS C 105 -1.75 -6.27 -0.56
CA LYS C 105 -2.99 -5.58 -0.26
C LYS C 105 -3.45 -5.85 1.15
N ILE C 106 -4.00 -4.81 1.76
CA ILE C 106 -4.53 -4.86 3.10
C ILE C 106 -5.65 -5.91 3.23
N THR C 107 -5.69 -6.60 4.37
CA THR C 107 -6.84 -7.46 4.71
C THR C 107 -7.50 -6.93 5.98
N PHE C 108 -8.80 -6.65 5.89
CA PHE C 108 -9.57 -6.16 7.04
C PHE C 108 -10.27 -7.28 7.79
N GLY C 109 -10.32 -7.14 9.10
CA GLY C 109 -11.19 -8.00 9.91
C GLY C 109 -12.63 -7.55 9.71
N ALA C 110 -13.57 -8.26 10.31
CA ALA C 110 -15.01 -7.99 10.12
C ALA C 110 -15.52 -6.77 10.89
N GLY C 111 -14.72 -6.29 11.84
CA GLY C 111 -15.04 -5.08 12.60
C GLY C 111 -15.81 -5.38 13.89
N THR C 112 -15.45 -4.70 14.97
CA THR C 112 -16.22 -4.82 16.22
C THR C 112 -16.90 -3.48 16.49
N LYS C 113 -18.23 -3.47 16.63
CA LYS C 113 -18.94 -2.22 16.92
C LYS C 113 -19.01 -1.99 18.43
N LEU C 114 -18.47 -0.86 18.85
CA LEU C 114 -18.27 -0.56 20.25
C LEU C 114 -19.30 0.43 20.75
N THR C 115 -19.93 0.09 21.87
CA THR C 115 -20.87 0.96 22.54
C THR C 115 -20.26 1.43 23.87
N ILE C 116 -20.06 2.73 24.01
CA ILE C 116 -19.67 3.30 25.30
C ILE C 116 -20.90 3.92 25.92
N LYS C 117 -21.52 3.22 26.87
CA LYS C 117 -22.71 3.73 27.54
C LYS C 117 -22.42 4.12 28.99
N PRO C 118 -22.95 5.28 29.42
CA PRO C 118 -22.60 5.85 30.71
C PRO C 118 -23.21 5.14 31.92
N ASN C 119 -22.65 5.46 33.08
CA ASN C 119 -23.05 4.87 34.35
C ASN C 119 -23.99 5.88 35.00
N ILE C 120 -25.30 5.65 34.87
CA ILE C 120 -26.29 6.60 35.40
C ILE C 120 -26.26 6.55 36.93
N GLN C 121 -25.87 7.67 37.52
CA GLN C 121 -25.62 7.77 38.96
C GLN C 121 -26.88 7.54 39.80
N ASN C 122 -27.85 8.46 39.72
CA ASN C 122 -29.06 8.41 40.53
C ASN C 122 -30.30 8.28 39.65
N PRO C 123 -30.77 7.04 39.40
CA PRO C 123 -31.92 6.84 38.52
C PRO C 123 -33.26 7.11 39.21
N ASP C 124 -34.10 7.90 38.54
CA ASP C 124 -35.46 8.21 39.00
C ASP C 124 -36.45 7.80 37.91
N PRO C 125 -36.68 6.48 37.75
CA PRO C 125 -37.50 6.03 36.62
C PRO C 125 -38.89 6.66 36.61
N ALA C 126 -39.35 7.09 35.44
CA ALA C 126 -40.71 7.59 35.27
C ALA C 126 -41.23 7.27 33.88
N VAL C 127 -42.54 7.10 33.77
CA VAL C 127 -43.20 6.88 32.50
C VAL C 127 -44.16 8.04 32.20
N TYR C 128 -44.09 8.58 30.99
CA TYR C 128 -44.96 9.70 30.61
C TYR C 128 -45.72 9.40 29.32
N GLN C 129 -46.90 9.99 29.20
CA GLN C 129 -47.64 9.92 27.94
C GLN C 129 -47.48 11.25 27.21
N LEU C 130 -47.22 11.18 25.91
CA LEU C 130 -47.03 12.38 25.09
C LEU C 130 -48.06 12.40 23.96
N LYS C 131 -48.45 13.62 23.57
CA LYS C 131 -49.47 13.80 22.54
C LYS C 131 -48.91 14.47 21.29
N ASP C 132 -49.39 14.01 20.13
CA ASP C 132 -49.18 14.68 18.87
C ASP C 132 -50.37 15.59 18.62
N PRO C 133 -50.13 16.92 18.67
CA PRO C 133 -51.20 17.91 18.51
C PRO C 133 -51.78 17.98 17.11
N LYS C 134 -51.07 17.46 16.11
CA LYS C 134 -51.57 17.46 14.73
C LYS C 134 -52.40 16.21 14.44
N SER C 135 -52.81 15.49 15.48
CA SER C 135 -53.65 14.30 15.36
C SER C 135 -54.88 14.37 16.24
N GLN C 136 -55.86 13.54 15.91
CA GLN C 136 -57.09 13.46 16.68
C GLN C 136 -56.74 12.97 18.09
N ASP C 137 -56.18 11.76 18.17
CA ASP C 137 -55.92 11.13 19.46
C ASP C 137 -54.66 10.27 19.43
N SER C 138 -53.61 10.77 18.79
CA SER C 138 -52.37 10.01 18.68
C SER C 138 -51.46 10.32 19.86
N THR C 139 -51.08 9.29 20.61
CA THR C 139 -50.17 9.45 21.74
C THR C 139 -49.09 8.37 21.71
N LEU C 140 -48.05 8.60 22.50
CA LEU C 140 -47.02 7.58 22.73
C LEU C 140 -46.52 7.64 24.15
N CYS C 141 -45.70 6.67 24.53
CA CYS C 141 -45.21 6.53 25.88
C CYS C 141 -43.70 6.71 25.94
N LEU C 142 -43.25 7.49 26.92
CA LEU C 142 -41.82 7.69 27.18
C LEU C 142 -41.46 7.09 28.53
N PHE C 143 -40.48 6.18 28.54
CA PHE C 143 -39.88 5.63 29.75
C PHE C 143 -38.50 6.27 29.85
N THR C 144 -38.27 7.03 30.93
CA THR C 144 -37.06 7.84 31.03
C THR C 144 -36.44 7.81 32.42
N ASP C 145 -35.14 8.10 32.48
CA ASP C 145 -34.35 8.21 33.72
C ASP C 145 -34.28 6.94 34.55
N PHE C 146 -34.36 5.80 33.86
CA PHE C 146 -34.30 4.50 34.53
C PHE C 146 -32.85 4.04 34.64
N ASP C 147 -32.63 2.96 35.39
CA ASP C 147 -31.29 2.45 35.67
C ASP C 147 -30.66 1.80 34.42
N SER C 148 -29.33 1.92 34.30
CA SER C 148 -28.58 1.36 33.17
C SER C 148 -28.55 -0.17 33.13
N GLN C 149 -28.86 -0.82 34.25
CA GLN C 149 -28.85 -2.28 34.31
C GLN C 149 -30.22 -2.87 33.99
N ILE C 150 -31.23 -2.02 33.82
CA ILE C 150 -32.60 -2.46 33.56
C ILE C 150 -32.70 -3.11 32.16
N ASN C 151 -33.62 -4.07 32.06
CA ASN C 151 -33.97 -4.71 30.77
C ASN C 151 -35.28 -4.17 30.22
N VAL C 152 -35.19 -3.28 29.23
CA VAL C 152 -36.38 -2.71 28.59
C VAL C 152 -37.17 -3.84 27.93
N PRO C 153 -38.47 -3.97 28.26
CA PRO C 153 -39.21 -5.08 27.67
C PRO C 153 -39.40 -4.90 26.17
N LYS C 154 -39.45 -6.01 25.44
CA LYS C 154 -39.81 -5.97 24.03
C LYS C 154 -41.31 -6.27 23.93
N THR C 155 -41.91 -5.90 22.80
CA THR C 155 -43.37 -6.01 22.65
C THR C 155 -43.85 -7.46 22.69
N MET C 156 -44.93 -7.69 23.43
CA MET C 156 -45.61 -8.98 23.45
C MET C 156 -46.87 -8.93 22.56
N GLU C 157 -47.29 -7.74 22.16
CA GLU C 157 -48.52 -7.53 21.39
C GLU C 157 -48.22 -7.13 19.94
N SER C 158 -48.93 -7.75 19.00
CA SER C 158 -48.94 -7.27 17.62
C SER C 158 -49.59 -5.89 17.62
N GLY C 159 -49.04 -4.98 16.83
CA GLY C 159 -49.57 -3.62 16.73
C GLY C 159 -48.91 -2.62 17.66
N THR C 160 -48.19 -3.10 18.68
CA THR C 160 -47.49 -2.21 19.59
C THR C 160 -45.99 -2.45 19.47
N PHE C 161 -45.23 -1.37 19.60
CA PHE C 161 -43.79 -1.37 19.37
C PHE C 161 -43.06 -0.66 20.51
N ILE C 162 -41.92 -1.22 20.91
CA ILE C 162 -41.11 -0.68 22.00
C ILE C 162 -39.66 -0.62 21.54
N THR C 163 -39.03 0.54 21.73
CA THR C 163 -37.69 0.77 21.23
C THR C 163 -36.66 0.26 22.21
N ASP C 164 -35.43 0.12 21.72
CA ASP C 164 -34.29 -0.18 22.59
C ASP C 164 -33.93 1.04 23.40
N LYS C 165 -33.27 0.80 24.53
CA LYS C 165 -32.68 1.85 25.35
C LYS C 165 -31.85 2.79 24.49
N CYS C 166 -32.09 4.10 24.61
CA CYS C 166 -31.34 5.12 23.89
C CYS C 166 -30.84 6.15 24.90
N VAL C 167 -29.53 6.33 24.99
CA VAL C 167 -28.93 7.19 26.00
C VAL C 167 -28.68 8.59 25.44
N LEU C 168 -29.21 9.62 26.11
CA LEU C 168 -28.92 11.00 25.71
C LEU C 168 -28.09 11.67 26.78
N ASP C 169 -27.45 12.76 26.40
CA ASP C 169 -26.64 13.57 27.30
C ASP C 169 -26.88 15.04 26.98
N MET C 170 -27.53 15.73 27.90
CA MET C 170 -27.69 17.18 27.80
C MET C 170 -26.38 17.80 28.29
N LYS C 171 -25.44 17.99 27.37
CA LYS C 171 -24.11 18.49 27.70
C LYS C 171 -24.15 19.89 28.31
N ALA C 172 -25.25 20.61 28.09
CA ALA C 172 -25.51 21.90 28.76
C ALA C 172 -25.04 21.88 30.22
N MET C 173 -25.47 20.86 30.96
CA MET C 173 -24.91 20.53 32.27
C MET C 173 -24.55 19.04 32.27
N ASP C 174 -24.51 18.40 33.43
CA ASP C 174 -24.16 16.98 33.52
C ASP C 174 -25.40 16.10 33.68
N SER C 175 -26.27 16.09 32.67
CA SER C 175 -27.52 15.31 32.74
C SER C 175 -27.61 14.29 31.60
N LYS C 176 -27.26 13.05 31.91
CA LYS C 176 -27.35 11.94 30.97
C LYS C 176 -28.53 11.08 31.42
N SER C 177 -29.22 10.45 30.48
CA SER C 177 -30.37 9.60 30.84
C SER C 177 -30.72 8.54 29.79
N ASN C 178 -31.13 7.39 30.31
CA ASN C 178 -31.65 6.31 29.50
C ASN C 178 -33.10 6.58 29.14
N GLY C 179 -33.46 6.28 27.90
CA GLY C 179 -34.85 6.41 27.46
C GLY C 179 -35.29 5.31 26.52
N ALA C 180 -36.59 5.04 26.53
CA ALA C 180 -37.21 4.11 25.58
C ALA C 180 -38.60 4.63 25.25
N ILE C 181 -39.06 4.31 24.04
CA ILE C 181 -40.33 4.83 23.54
C ILE C 181 -41.23 3.65 23.15
N ALA C 182 -42.52 3.84 23.35
CA ALA C 182 -43.51 2.85 22.93
C ALA C 182 -44.73 3.56 22.34
N TRP C 183 -45.23 2.99 21.25
CA TRP C 183 -46.47 3.44 20.62
C TRP C 183 -47.24 2.23 20.15
N SER C 184 -48.52 2.43 19.83
CA SER C 184 -49.42 1.30 19.60
C SER C 184 -50.59 1.64 18.68
N ASN C 185 -51.27 0.60 18.22
CA ASN C 185 -52.52 0.73 17.47
C ASN C 185 -53.69 0.10 18.22
N GLN C 186 -53.48 -0.25 19.48
CA GLN C 186 -54.51 -0.90 20.30
C GLN C 186 -55.47 0.18 20.81
N THR C 187 -56.76 -0.17 20.91
CA THR C 187 -57.81 0.81 21.28
C THR C 187 -57.65 1.32 22.71
N SER C 188 -57.46 0.41 23.66
CA SER C 188 -57.27 0.76 25.07
C SER C 188 -55.84 0.47 25.51
N PHE C 189 -54.89 1.29 25.05
CA PHE C 189 -53.49 1.17 25.47
C PHE C 189 -53.08 2.35 26.36
N THR C 190 -52.45 2.04 27.49
CA THR C 190 -51.94 3.06 28.39
C THR C 190 -50.48 2.76 28.73
N CYS C 191 -49.74 3.81 29.07
CA CYS C 191 -48.32 3.71 29.37
C CYS C 191 -48.02 3.06 30.72
N GLN C 192 -49.04 2.93 31.56
CA GLN C 192 -48.89 2.34 32.90
C GLN C 192 -48.34 0.92 32.83
N ASP C 193 -48.93 0.11 31.96
CA ASP C 193 -48.64 -1.32 31.88
C ASP C 193 -47.50 -1.62 30.92
N ILE C 194 -47.42 -0.85 29.83
CA ILE C 194 -46.54 -1.18 28.71
C ILE C 194 -45.06 -1.33 29.08
N PHE C 195 -44.60 -0.61 30.11
CA PHE C 195 -43.20 -0.68 30.53
C PHE C 195 -42.94 -1.53 31.78
N LYS C 196 -43.99 -1.89 32.52
CA LYS C 196 -43.85 -2.74 33.72
C LYS C 196 -43.53 -4.18 33.32
N ALA D 1 -9.66 14.71 -0.80
CA ALA D 1 -11.06 14.27 -0.47
C ALA D 1 -11.51 13.12 -1.36
N VAL D 2 -12.37 12.27 -0.81
CA VAL D 2 -12.98 11.18 -1.57
C VAL D 2 -14.48 11.30 -1.42
N THR D 3 -15.16 11.57 -2.53
CA THR D 3 -16.58 11.86 -2.50
C THR D 3 -17.31 10.89 -3.42
N GLN D 4 -18.38 10.29 -2.89
CA GLN D 4 -19.14 9.29 -3.60
C GLN D 4 -20.49 9.83 -3.99
N SER D 5 -20.99 9.36 -5.13
CA SER D 5 -22.25 9.81 -5.68
C SER D 5 -22.97 8.62 -6.29
N PRO D 6 -24.26 8.43 -5.96
CA PRO D 6 -25.07 9.15 -4.99
C PRO D 6 -24.78 8.67 -3.57
N ARG D 7 -25.41 9.33 -2.60
CA ARG D 7 -25.30 8.99 -1.18
C ARG D 7 -26.15 7.76 -0.84
N SER D 8 -27.28 7.65 -1.53
CA SER D 8 -28.21 6.55 -1.36
C SER D 8 -28.84 6.27 -2.70
N LYS D 9 -29.13 5.01 -2.96
CA LYS D 9 -29.72 4.60 -4.22
C LYS D 9 -30.74 3.49 -3.99
N VAL D 10 -31.91 3.63 -4.59
CA VAL D 10 -32.89 2.54 -4.61
C VAL D 10 -33.02 2.07 -6.04
N ALA D 11 -32.92 0.76 -6.25
CA ALA D 11 -32.98 0.21 -7.62
C ALA D 11 -33.88 -1.02 -7.69
N VAL D 12 -34.47 -1.23 -8.87
CA VAL D 12 -35.30 -2.40 -9.13
C VAL D 12 -34.39 -3.60 -9.44
N THR D 13 -34.80 -4.81 -9.07
CA THR D 13 -34.06 -6.02 -9.43
C THR D 13 -33.97 -6.09 -10.94
N GLY D 14 -32.77 -6.39 -11.45
CA GLY D 14 -32.53 -6.42 -12.88
C GLY D 14 -32.31 -5.06 -13.50
N GLY D 15 -32.31 -4.01 -12.68
CA GLY D 15 -31.99 -2.66 -13.13
C GLY D 15 -30.49 -2.43 -13.12
N LYS D 16 -30.04 -1.49 -13.94
CA LYS D 16 -28.63 -1.11 -13.98
C LYS D 16 -28.38 -0.04 -12.91
N VAL D 17 -27.27 -0.18 -12.19
CA VAL D 17 -26.89 0.80 -11.18
C VAL D 17 -25.42 1.15 -11.37
N THR D 18 -25.12 2.44 -11.33
CA THR D 18 -23.74 2.94 -11.36
C THR D 18 -23.48 3.79 -10.11
N LEU D 19 -22.49 3.39 -9.32
CA LEU D 19 -22.04 4.17 -8.17
C LEU D 19 -20.75 4.86 -8.54
N SER D 20 -20.66 6.16 -8.24
CA SER D 20 -19.53 6.96 -8.68
C SER D 20 -18.68 7.39 -7.52
N CYS D 21 -17.38 7.52 -7.79
CA CYS D 21 -16.44 8.01 -6.80
C CYS D 21 -15.54 9.03 -7.46
N HIS D 22 -15.33 10.14 -6.76
CA HIS D 22 -14.40 11.17 -7.20
C HIS D 22 -13.40 11.44 -6.07
N GLN D 23 -12.12 11.35 -6.40
CA GLN D 23 -11.07 11.67 -5.42
C GLN D 23 -10.19 12.80 -5.91
N THR D 24 -9.92 13.74 -5.00
CA THR D 24 -9.09 14.90 -5.28
C THR D 24 -7.68 14.75 -4.71
N ASN D 25 -7.31 13.52 -4.34
CA ASN D 25 -6.03 13.26 -3.66
C ASN D 25 -4.83 13.04 -4.58
N ASN D 26 -5.05 13.11 -5.90
CA ASN D 26 -4.03 12.77 -6.90
C ASN D 26 -3.49 11.35 -6.71
N HIS D 27 -4.30 10.49 -6.12
CA HIS D 27 -3.91 9.12 -5.82
C HIS D 27 -4.13 8.27 -7.06
N ASP D 28 -3.27 7.27 -7.25
CA ASP D 28 -3.36 6.41 -8.41
C ASP D 28 -4.19 5.16 -8.16
N TYR D 29 -4.19 4.69 -6.92
CA TYR D 29 -4.99 3.52 -6.56
C TYR D 29 -6.39 3.94 -6.11
N MET D 30 -7.39 3.21 -6.58
CA MET D 30 -8.76 3.37 -6.10
C MET D 30 -9.37 1.99 -5.86
N TYR D 31 -10.33 1.93 -4.92
CA TYR D 31 -10.93 0.68 -4.47
C TYR D 31 -12.44 0.86 -4.27
N TRP D 32 -13.20 -0.22 -4.48
CA TRP D 32 -14.60 -0.29 -4.05
C TRP D 32 -14.77 -1.47 -3.09
N TYR D 33 -15.29 -1.16 -1.91
CA TYR D 33 -15.51 -2.12 -0.84
C TYR D 33 -16.99 -2.25 -0.53
N ARG D 34 -17.37 -3.43 -0.05
CA ARG D 34 -18.73 -3.73 0.38
C ARG D 34 -18.77 -4.00 1.89
N GLN D 35 -19.78 -3.45 2.55
CA GLN D 35 -19.97 -3.63 3.99
C GLN D 35 -21.40 -4.12 4.22
N ASP D 36 -21.58 -5.08 5.12
CA ASP D 36 -22.86 -5.76 5.27
C ASP D 36 -23.33 -5.73 6.71
N THR D 37 -24.51 -5.15 6.91
CA THR D 37 -25.04 -4.88 8.25
C THR D 37 -23.96 -4.32 9.20
N GLY D 38 -23.17 -3.39 8.65
CA GLY D 38 -22.12 -2.71 9.42
C GLY D 38 -20.82 -3.48 9.63
N HIS D 39 -20.74 -4.69 9.09
CA HIS D 39 -19.54 -5.52 9.26
C HIS D 39 -18.84 -5.75 7.92
N GLY D 40 -17.53 -5.92 7.98
CA GLY D 40 -16.74 -6.22 6.80
C GLY D 40 -16.36 -5.00 5.96
N LEU D 41 -15.19 -5.09 5.35
CA LEU D 41 -14.81 -4.30 4.19
C LEU D 41 -14.25 -5.29 3.17
N ARG D 42 -15.13 -5.76 2.29
CA ARG D 42 -14.75 -6.73 1.28
C ARG D 42 -14.47 -6.05 -0.05
N LEU D 43 -13.25 -6.24 -0.56
CA LEU D 43 -12.83 -5.64 -1.81
C LEU D 43 -13.54 -6.29 -2.99
N ILE D 44 -14.23 -5.45 -3.77
CA ILE D 44 -14.93 -5.90 -4.97
C ILE D 44 -14.01 -5.77 -6.17
N HIS D 45 -13.60 -4.53 -6.46
CA HIS D 45 -12.66 -4.23 -7.54
C HIS D 45 -11.73 -3.11 -7.09
N TYR D 46 -10.57 -3.02 -7.72
CA TYR D 46 -9.70 -1.88 -7.52
C TYR D 46 -9.02 -1.54 -8.86
N SER D 47 -8.21 -0.49 -8.86
CA SER D 47 -7.53 0.01 -10.06
C SER D 47 -6.30 0.81 -9.67
N TYR D 48 -5.17 0.56 -10.31
CA TYR D 48 -3.95 1.32 -10.01
C TYR D 48 -3.59 2.31 -11.11
N VAL D 49 -4.43 2.39 -12.15
CA VAL D 49 -4.14 3.24 -13.30
C VAL D 49 -5.40 3.58 -14.09
N ALA D 50 -5.38 4.76 -14.70
CA ALA D 50 -6.55 5.43 -15.27
C ALA D 50 -7.40 4.72 -16.34
N ASP D 51 -7.13 3.48 -16.72
CA ASP D 51 -8.06 2.82 -17.68
C ASP D 51 -8.27 1.32 -17.54
N SER D 52 -7.72 0.73 -16.50
CA SER D 52 -7.89 -0.69 -16.27
C SER D 52 -8.28 -0.90 -14.83
N THR D 53 -8.77 -2.10 -14.53
CA THR D 53 -9.16 -2.44 -13.19
C THR D 53 -8.73 -3.87 -12.92
N GLU D 54 -8.79 -4.26 -11.66
CA GLU D 54 -8.43 -5.60 -11.25
C GLU D 54 -9.51 -6.10 -10.34
N LYS D 55 -9.70 -7.41 -10.33
CA LYS D 55 -10.69 -8.01 -9.48
C LYS D 55 -10.18 -8.00 -8.06
N GLY D 56 -11.10 -7.84 -7.13
CA GLY D 56 -10.80 -7.99 -5.71
C GLY D 56 -11.19 -9.36 -5.24
N ASP D 57 -11.60 -9.45 -3.98
CA ASP D 57 -11.98 -10.72 -3.39
C ASP D 57 -13.39 -11.17 -3.83
N ILE D 58 -14.32 -10.24 -4.03
CA ILE D 58 -15.72 -10.62 -4.31
C ILE D 58 -16.29 -9.90 -5.54
N PRO D 59 -15.63 -10.08 -6.70
CA PRO D 59 -15.97 -9.31 -7.89
C PRO D 59 -17.27 -9.73 -8.60
N ASP D 60 -17.79 -10.91 -8.29
CA ASP D 60 -18.93 -11.45 -9.05
C ASP D 60 -20.19 -10.58 -8.87
N GLY D 61 -20.80 -10.22 -10.00
CA GLY D 61 -22.02 -9.41 -10.03
C GLY D 61 -21.73 -7.94 -10.26
N TYR D 62 -20.45 -7.58 -10.21
CA TYR D 62 -20.02 -6.20 -10.34
C TYR D 62 -18.99 -6.09 -11.44
N LYS D 63 -19.08 -4.99 -12.20
CA LYS D 63 -17.99 -4.52 -13.04
C LYS D 63 -17.49 -3.21 -12.44
N ALA D 64 -16.34 -2.76 -12.90
CA ALA D 64 -15.74 -1.50 -12.45
C ALA D 64 -15.16 -0.76 -13.64
N SER D 65 -15.10 0.56 -13.53
CA SER D 65 -14.59 1.40 -14.60
C SER D 65 -13.78 2.56 -14.04
N ARG D 66 -12.60 2.78 -14.62
CA ARG D 66 -11.71 3.85 -14.20
C ARG D 66 -11.46 4.78 -15.37
N PRO D 67 -12.43 5.66 -15.69
CA PRO D 67 -12.28 6.51 -16.88
C PRO D 67 -11.20 7.58 -16.76
N SER D 68 -10.77 7.86 -15.54
CA SER D 68 -9.88 8.98 -15.24
C SER D 68 -9.10 8.67 -13.97
N GLN D 69 -8.06 9.47 -13.66
CA GLN D 69 -7.33 9.31 -12.39
C GLN D 69 -8.23 9.64 -11.21
N GLU D 70 -9.14 10.59 -11.39
CA GLU D 70 -9.99 11.05 -10.29
C GLU D 70 -11.22 10.16 -10.10
N ASN D 71 -11.56 9.35 -11.10
CA ASN D 71 -12.87 8.68 -11.14
C ASN D 71 -12.82 7.15 -11.24
N PHE D 72 -13.55 6.49 -10.34
CA PHE D 72 -13.67 5.04 -10.33
C PHE D 72 -15.13 4.71 -10.08
N SER D 73 -15.77 4.00 -11.00
CA SER D 73 -17.18 3.67 -10.85
C SER D 73 -17.41 2.17 -10.65
N LEU D 74 -18.47 1.85 -9.91
CA LEU D 74 -18.89 0.48 -9.71
C LEU D 74 -20.20 0.26 -10.47
N ILE D 75 -20.26 -0.81 -11.26
CA ILE D 75 -21.40 -1.06 -12.13
C ILE D 75 -22.08 -2.39 -11.82
N LEU D 76 -23.39 -2.31 -11.59
CA LEU D 76 -24.21 -3.49 -11.38
C LEU D 76 -25.13 -3.51 -12.59
N GLU D 77 -24.85 -4.41 -13.52
CA GLU D 77 -25.61 -4.46 -14.78
C GLU D 77 -27.03 -4.93 -14.55
N LEU D 78 -27.18 -6.01 -13.78
CA LEU D 78 -28.48 -6.57 -13.41
C LEU D 78 -28.55 -6.71 -11.89
N ALA D 79 -28.94 -5.62 -11.22
CA ALA D 79 -28.95 -5.59 -9.76
C ALA D 79 -29.79 -6.71 -9.17
N SER D 80 -29.25 -7.38 -8.16
CA SER D 80 -29.99 -8.44 -7.47
C SER D 80 -30.20 -8.04 -6.02
N LEU D 81 -31.15 -8.71 -5.38
CA LEU D 81 -31.43 -8.49 -3.95
C LEU D 81 -30.20 -8.68 -3.07
N SER D 82 -29.32 -9.61 -3.44
CA SER D 82 -28.10 -9.89 -2.68
C SER D 82 -27.10 -8.73 -2.67
N GLN D 83 -27.29 -7.76 -3.56
CA GLN D 83 -26.39 -6.62 -3.64
C GLN D 83 -26.84 -5.42 -2.80
N THR D 84 -27.96 -5.59 -2.08
CA THR D 84 -28.37 -4.62 -1.07
C THR D 84 -27.30 -4.59 0.02
N ALA D 85 -26.66 -3.43 0.18
CA ALA D 85 -25.47 -3.30 1.03
C ALA D 85 -25.00 -1.84 1.02
N VAL D 86 -23.95 -1.55 1.77
CA VAL D 86 -23.34 -0.23 1.74
C VAL D 86 -21.98 -0.35 1.05
N TYR D 87 -21.71 0.61 0.16
CA TYR D 87 -20.51 0.56 -0.65
C TYR D 87 -19.62 1.75 -0.37
N PHE D 88 -18.34 1.46 -0.16
CA PHE D 88 -17.33 2.47 0.16
C PHE D 88 -16.24 2.48 -0.87
N CYS D 89 -15.92 3.68 -1.33
CA CYS D 89 -14.82 3.91 -2.22
C CYS D 89 -13.64 4.35 -1.38
N ALA D 90 -12.43 4.05 -1.84
CA ALA D 90 -11.22 4.54 -1.21
C ALA D 90 -10.13 4.84 -2.23
N SER D 91 -9.18 5.68 -1.83
CA SER D 91 -8.00 5.95 -2.64
C SER D 91 -6.73 5.75 -1.79
N SER D 92 -5.63 5.45 -2.47
CA SER D 92 -4.32 5.41 -1.82
C SER D 92 -3.25 5.81 -2.80
N ASP D 93 -2.16 6.29 -2.24
CA ASP D 93 -1.06 6.80 -3.00
C ASP D 93 -0.43 5.76 -3.92
N ALA D 94 -0.06 4.62 -3.38
CA ALA D 94 0.65 3.60 -4.16
C ALA D 94 0.35 2.16 -3.72
N GLY D 95 -0.73 1.95 -2.99
CA GLY D 95 -1.06 0.60 -2.58
C GLY D 95 -0.14 0.06 -1.53
N GLY D 96 -0.29 -1.21 -1.19
CA GLY D 96 0.49 -1.76 -0.10
C GLY D 96 0.22 -1.15 1.25
N ARG D 97 1.22 -0.51 1.87
CA ARG D 97 1.08 0.09 3.18
C ARG D 97 0.53 1.51 3.21
N ASN D 98 0.33 2.11 2.06
CA ASN D 98 -0.11 3.47 2.01
C ASN D 98 -1.53 3.57 2.53
N THR D 99 -1.81 4.61 3.30
CA THR D 99 -3.10 4.73 3.95
C THR D 99 -4.24 4.81 2.93
N LEU D 100 -5.32 4.09 3.21
CA LEU D 100 -6.52 4.18 2.41
C LEU D 100 -7.37 5.31 2.97
N TYR D 101 -7.81 6.18 2.07
CA TYR D 101 -8.72 7.27 2.40
C TYR D 101 -10.08 6.96 1.82
N PHE D 102 -11.09 6.88 2.69
CA PHE D 102 -12.43 6.42 2.30
C PHE D 102 -13.43 7.54 2.06
N GLY D 103 -14.39 7.29 1.19
CA GLY D 103 -15.60 8.14 1.07
C GLY D 103 -16.57 7.79 2.19
N ALA D 104 -17.72 8.46 2.22
CA ALA D 104 -18.64 8.34 3.36
C ALA D 104 -19.66 7.21 3.19
N GLY D 105 -19.63 6.53 2.06
CA GLY D 105 -20.51 5.38 1.84
C GLY D 105 -21.69 5.69 0.97
N THR D 106 -22.17 4.68 0.25
CA THR D 106 -23.41 4.75 -0.52
C THR D 106 -24.25 3.54 -0.20
N ARG D 107 -25.43 3.77 0.37
CA ARG D 107 -26.34 2.67 0.68
C ARG D 107 -27.17 2.34 -0.54
N LEU D 108 -27.17 1.07 -0.92
CA LEU D 108 -27.96 0.58 -2.03
C LEU D 108 -29.02 -0.40 -1.51
N SER D 109 -30.26 -0.17 -1.93
CA SER D 109 -31.36 -1.10 -1.70
C SER D 109 -31.91 -1.53 -3.04
N VAL D 110 -31.98 -2.84 -3.24
CA VAL D 110 -32.50 -3.42 -4.47
C VAL D 110 -33.84 -4.06 -4.14
N LEU D 111 -34.89 -3.63 -4.84
CA LEU D 111 -36.27 -4.03 -4.53
C LEU D 111 -36.91 -4.65 -5.76
N GLU D 112 -37.85 -5.57 -5.55
CA GLU D 112 -38.56 -6.20 -6.64
C GLU D 112 -39.53 -5.24 -7.32
N ASP D 113 -40.09 -4.31 -6.55
CA ASP D 113 -41.13 -3.41 -7.04
C ASP D 113 -40.96 -2.02 -6.40
N LEU D 114 -40.65 -1.04 -7.23
CA LEU D 114 -40.40 0.32 -6.74
C LEU D 114 -41.66 1.04 -6.24
N ARG D 115 -42.85 0.50 -6.50
CA ARG D 115 -44.07 1.10 -5.96
C ARG D 115 -44.18 0.95 -4.46
N ASN D 116 -43.32 0.10 -3.87
CA ASN D 116 -43.21 0.00 -2.42
C ASN D 116 -42.42 1.13 -1.76
N VAL D 117 -41.68 1.91 -2.55
CA VAL D 117 -40.91 3.02 -2.00
C VAL D 117 -41.90 4.05 -1.49
N THR D 118 -41.78 4.42 -0.21
CA THR D 118 -42.74 5.32 0.43
C THR D 118 -42.05 6.22 1.45
N PRO D 119 -42.28 7.54 1.36
CA PRO D 119 -41.69 8.39 2.37
C PRO D 119 -42.43 8.29 3.72
N PRO D 120 -41.76 8.74 4.79
CA PRO D 120 -42.31 8.66 6.14
C PRO D 120 -43.32 9.76 6.39
N LYS D 121 -44.30 9.46 7.23
CA LYS D 121 -45.05 10.47 7.94
C LYS D 121 -44.24 10.81 9.19
N VAL D 122 -44.02 12.10 9.43
CA VAL D 122 -43.18 12.57 10.53
C VAL D 122 -44.03 13.32 11.53
N SER D 123 -44.03 12.85 12.77
CA SER D 123 -44.84 13.44 13.83
C SER D 123 -43.99 13.87 15.02
N LEU D 124 -44.33 15.03 15.58
CA LEU D 124 -43.65 15.54 16.76
C LEU D 124 -44.61 15.52 17.95
N PHE D 125 -44.24 14.74 18.96
CA PHE D 125 -45.01 14.60 20.18
C PHE D 125 -44.45 15.56 21.23
N GLU D 126 -45.32 16.32 21.86
CA GLU D 126 -44.90 17.42 22.72
C GLU D 126 -44.70 16.94 24.14
N PRO D 127 -43.86 17.64 24.92
CA PRO D 127 -43.49 17.18 26.26
C PRO D 127 -44.68 17.02 27.21
N SER D 128 -44.56 16.05 28.11
CA SER D 128 -45.53 15.82 29.18
C SER D 128 -45.41 16.90 30.23
N LYS D 129 -46.56 17.41 30.69
CA LYS D 129 -46.60 18.38 31.79
C LYS D 129 -46.05 17.77 33.08
N ALA D 130 -46.23 16.46 33.24
CA ALA D 130 -45.73 15.76 34.43
C ALA D 130 -44.20 15.71 34.48
N GLU D 131 -43.55 15.57 33.32
CA GLU D 131 -42.07 15.58 33.26
C GLU D 131 -41.55 16.96 33.62
N ILE D 132 -42.15 17.97 32.99
CA ILE D 132 -41.79 19.35 33.19
C ILE D 132 -41.90 19.72 34.68
N SER D 133 -42.99 19.33 35.31
CA SER D 133 -43.22 19.69 36.71
C SER D 133 -42.35 18.85 37.65
N ASN D 134 -42.25 17.56 37.39
CA ASN D 134 -41.51 16.67 38.30
C ASN D 134 -40.00 16.70 38.10
N LYS D 135 -39.53 16.98 36.89
CA LYS D 135 -38.09 16.92 36.59
C LYS D 135 -37.48 18.20 36.03
N GLN D 136 -38.30 19.24 35.85
CA GLN D 136 -37.84 20.50 35.25
C GLN D 136 -37.13 20.27 33.92
N LYS D 137 -37.60 19.28 33.17
CA LYS D 137 -37.06 18.96 31.85
C LYS D 137 -38.20 18.62 30.91
N ALA D 138 -37.95 18.77 29.62
CA ALA D 138 -38.97 18.59 28.61
C ALA D 138 -38.40 17.78 27.47
N THR D 139 -38.89 16.54 27.34
CA THR D 139 -38.48 15.65 26.26
C THR D 139 -39.49 15.71 25.10
N LEU D 140 -39.01 16.12 23.92
CA LEU D 140 -39.80 16.06 22.71
C LEU D 140 -39.46 14.75 21.99
N VAL D 141 -40.46 14.11 21.40
CA VAL D 141 -40.24 12.86 20.71
C VAL D 141 -40.71 13.00 19.26
N CYS D 142 -39.82 12.61 18.35
CA CYS D 142 -40.15 12.59 16.94
C CYS D 142 -40.30 11.14 16.49
N LEU D 143 -41.36 10.87 15.76
CA LEU D 143 -41.67 9.55 15.22
C LEU D 143 -41.81 9.64 13.71
N ALA D 144 -41.01 8.85 12.99
CA ALA D 144 -41.14 8.69 11.53
C ALA D 144 -41.69 7.30 11.30
N ARG D 145 -42.84 7.20 10.63
CA ARG D 145 -43.52 5.92 10.43
C ARG D 145 -43.90 5.71 8.98
N GLY D 146 -43.97 4.44 8.60
CA GLY D 146 -44.55 4.06 7.31
C GLY D 146 -43.66 4.27 6.10
N PHE D 147 -42.35 4.26 6.31
CA PHE D 147 -41.41 4.49 5.21
C PHE D 147 -40.74 3.21 4.76
N PHE D 148 -40.28 3.22 3.51
CA PHE D 148 -39.62 2.07 2.89
C PHE D 148 -38.86 2.54 1.65
N PRO D 149 -37.62 2.05 1.46
CA PRO D 149 -36.80 1.19 2.35
C PRO D 149 -36.26 1.99 3.55
N ASP D 150 -35.34 1.43 4.35
CA ASP D 150 -34.80 2.17 5.52
C ASP D 150 -33.58 3.02 5.19
N HIS D 151 -33.82 4.05 4.39
CA HIS D 151 -32.81 5.02 4.02
C HIS D 151 -33.28 6.36 4.62
N VAL D 152 -33.17 6.51 5.93
CA VAL D 152 -33.52 7.78 6.57
C VAL D 152 -32.41 8.27 7.50
N GLU D 153 -32.28 9.60 7.54
CA GLU D 153 -31.40 10.28 8.47
C GLU D 153 -32.23 11.34 9.20
N LEU D 154 -32.25 11.24 10.51
CA LEU D 154 -33.05 12.13 11.34
C LEU D 154 -32.17 13.15 12.07
N SER D 155 -32.57 14.42 12.02
CA SER D 155 -31.82 15.49 12.68
C SER D 155 -32.77 16.45 13.39
N TRP D 156 -32.25 17.13 14.40
CA TRP D 156 -33.01 18.10 15.17
C TRP D 156 -32.44 19.49 14.94
N TRP D 157 -33.36 20.45 14.83
CA TRP D 157 -33.03 21.83 14.52
C TRP D 157 -33.74 22.75 15.51
N VAL D 158 -32.94 23.44 16.34
CA VAL D 158 -33.46 24.37 17.34
C VAL D 158 -33.10 25.78 16.89
N ASN D 159 -34.13 26.60 16.69
CA ASN D 159 -33.96 27.98 16.24
C ASN D 159 -33.12 28.07 14.97
N GLY D 160 -33.37 27.15 14.05
CA GLY D 160 -32.71 27.13 12.75
C GLY D 160 -31.32 26.51 12.68
N LYS D 161 -30.81 26.01 13.81
CA LYS D 161 -29.46 25.42 13.86
C LYS D 161 -29.53 24.00 14.37
N GLU D 162 -28.81 23.10 13.72
CA GLU D 162 -28.82 21.69 14.11
C GLU D 162 -28.18 21.52 15.47
N VAL D 163 -28.75 20.62 16.28
CA VAL D 163 -28.23 20.32 17.60
C VAL D 163 -27.98 18.82 17.75
N HIS D 164 -26.98 18.49 18.56
CA HIS D 164 -26.62 17.09 18.84
C HIS D 164 -26.71 16.78 20.34
N SER D 165 -26.43 17.79 21.16
CA SER D 165 -26.57 17.69 22.61
C SER D 165 -28.04 17.45 22.97
N GLY D 166 -28.28 16.50 23.87
CA GLY D 166 -29.61 16.21 24.38
C GLY D 166 -30.48 15.39 23.46
N VAL D 167 -29.85 14.75 22.46
CA VAL D 167 -30.54 13.95 21.45
C VAL D 167 -30.15 12.47 21.56
N CYS D 168 -31.12 11.58 21.44
CA CYS D 168 -30.83 10.19 21.12
C CYS D 168 -31.82 9.66 20.08
N THR D 169 -31.27 9.18 18.96
CA THR D 169 -32.03 8.63 17.85
C THR D 169 -31.78 7.12 17.84
N ASP D 170 -32.80 6.32 17.55
CA ASP D 170 -32.61 4.87 17.45
C ASP D 170 -31.54 4.60 16.40
N PRO D 171 -30.54 3.74 16.69
CA PRO D 171 -29.50 3.49 15.68
C PRO D 171 -30.04 2.70 14.47
N GLN D 172 -31.10 1.93 14.67
CA GLN D 172 -31.66 1.09 13.63
C GLN D 172 -33.18 1.30 13.53
N ALA D 173 -33.68 1.36 12.30
CA ALA D 173 -35.11 1.48 12.07
C ALA D 173 -35.81 0.19 12.47
N TYR D 174 -37.00 0.35 13.05
CA TYR D 174 -37.82 -0.75 13.48
C TYR D 174 -38.70 -1.14 12.28
N LYS D 175 -38.58 -2.39 11.83
CA LYS D 175 -39.45 -2.88 10.78
C LYS D 175 -40.79 -3.30 11.38
N GLU D 176 -41.87 -2.64 10.95
CA GLU D 176 -43.23 -2.93 11.43
C GLU D 176 -43.92 -4.01 10.59
N SER D 177 -43.72 -3.94 9.28
CA SER D 177 -44.28 -4.93 8.37
C SER D 177 -43.36 -4.99 7.15
N ASN D 178 -43.70 -5.88 6.22
CA ASN D 178 -42.83 -6.17 5.08
C ASN D 178 -42.33 -4.90 4.39
N TYR D 179 -43.20 -3.91 4.23
CA TYR D 179 -42.82 -2.71 3.48
C TYR D 179 -43.03 -1.43 4.26
N SER D 180 -42.76 -1.48 5.56
CA SER D 180 -43.04 -0.36 6.44
C SER D 180 -42.12 -0.34 7.65
N TYR D 181 -41.29 0.70 7.72
CA TYR D 181 -40.36 0.89 8.83
C TYR D 181 -40.77 2.10 9.67
N SER D 182 -40.33 2.08 10.92
CA SER D 182 -40.47 3.23 11.82
C SER D 182 -39.17 3.54 12.54
N LEU D 183 -39.00 4.81 12.89
CA LEU D 183 -37.80 5.30 13.58
C LEU D 183 -38.21 6.39 14.56
N SER D 184 -37.61 6.38 15.75
CA SER D 184 -37.88 7.40 16.75
C SER D 184 -36.61 8.09 17.22
N SER D 185 -36.81 9.30 17.75
CA SER D 185 -35.75 10.10 18.33
C SER D 185 -36.32 10.97 19.41
N ARG D 186 -35.49 11.36 20.36
CA ARG D 186 -35.94 12.31 21.36
C ARG D 186 -34.91 13.38 21.61
N LEU D 187 -35.42 14.56 21.92
CA LEU D 187 -34.64 15.72 22.23
C LEU D 187 -35.12 16.22 23.58
N ARG D 188 -34.21 16.34 24.53
CA ARG D 188 -34.56 16.81 25.86
C ARG D 188 -33.91 18.15 26.13
N VAL D 189 -34.71 19.12 26.57
CA VAL D 189 -34.22 20.44 26.95
C VAL D 189 -34.76 20.74 28.34
N SER D 190 -34.32 21.86 28.91
CA SER D 190 -34.80 22.27 30.23
C SER D 190 -36.25 22.75 30.11
N ALA D 191 -37.01 22.60 31.19
CA ALA D 191 -38.37 23.12 31.26
C ALA D 191 -38.44 24.59 30.88
N THR D 192 -37.48 25.39 31.35
CA THR D 192 -37.47 26.83 31.07
C THR D 192 -37.24 27.12 29.58
N PHE D 193 -36.40 26.32 28.93
CA PHE D 193 -36.15 26.47 27.49
C PHE D 193 -37.40 26.16 26.66
N TRP D 194 -38.10 25.09 27.05
CA TRP D 194 -39.35 24.71 26.41
C TRP D 194 -40.42 25.77 26.65
N HIS D 195 -40.40 26.37 27.83
CA HIS D 195 -41.43 27.37 28.19
C HIS D 195 -41.23 28.73 27.51
N ASN D 196 -40.10 28.93 26.87
CA ASN D 196 -39.82 30.17 26.15
C ASN D 196 -40.41 30.16 24.73
N PRO D 197 -41.44 31.00 24.49
CA PRO D 197 -42.06 30.99 23.15
C PRO D 197 -41.20 31.50 22.00
N ARG D 198 -40.00 32.02 22.30
CA ARG D 198 -39.03 32.40 21.28
C ARG D 198 -38.33 31.19 20.69
N ASN D 199 -38.46 30.03 21.33
CA ASN D 199 -37.74 28.83 20.89
C ASN D 199 -38.56 27.98 19.92
N HIS D 200 -37.92 27.64 18.80
CA HIS D 200 -38.52 26.84 17.76
C HIS D 200 -37.81 25.50 17.69
N PHE D 201 -38.60 24.43 17.66
CA PHE D 201 -38.07 23.07 17.62
C PHE D 201 -38.54 22.40 16.33
N ARG D 202 -37.63 21.71 15.63
CA ARG D 202 -37.98 20.97 14.42
C ARG D 202 -37.24 19.63 14.35
N CYS D 203 -38.01 18.58 14.11
CA CYS D 203 -37.48 17.28 13.73
C CYS D 203 -37.46 17.19 12.20
N GLN D 204 -36.28 16.90 11.61
CA GLN D 204 -36.16 16.71 10.17
C GLN D 204 -35.79 15.26 9.83
N VAL D 205 -36.55 14.64 8.94
CA VAL D 205 -36.23 13.32 8.43
C VAL D 205 -35.88 13.41 6.93
N GLN D 206 -34.61 13.15 6.64
CA GLN D 206 -34.08 13.06 5.28
C GLN D 206 -34.45 11.67 4.79
N PHE D 207 -35.36 11.55 3.82
CA PHE D 207 -35.71 10.24 3.26
C PHE D 207 -35.02 10.08 1.90
N HIS D 208 -34.34 8.95 1.69
CA HIS D 208 -33.74 8.67 0.39
C HIS D 208 -34.60 7.66 -0.35
N GLY D 209 -35.20 8.09 -1.44
CA GLY D 209 -36.04 7.25 -2.26
C GLY D 209 -35.56 7.30 -3.70
N LEU D 210 -36.48 7.60 -4.60
CA LEU D 210 -36.18 7.68 -6.01
C LEU D 210 -35.51 9.01 -6.32
N SER D 211 -34.79 9.05 -7.42
CA SER D 211 -34.11 10.26 -7.87
C SER D 211 -34.92 10.86 -9.00
N GLU D 212 -34.53 12.05 -9.46
CA GLU D 212 -35.33 12.70 -10.50
C GLU D 212 -35.10 12.09 -11.89
N GLU D 213 -34.10 11.20 -11.99
CA GLU D 213 -33.89 10.43 -13.21
C GLU D 213 -34.84 9.22 -13.27
N ASP D 214 -35.38 8.78 -12.14
CA ASP D 214 -36.39 7.73 -12.15
C ASP D 214 -37.66 8.29 -12.77
N LYS D 215 -38.27 7.53 -13.66
CA LYS D 215 -39.53 7.94 -14.25
C LYS D 215 -40.67 7.54 -13.35
N TRP D 216 -41.73 8.32 -13.37
CA TRP D 216 -42.90 8.05 -12.57
C TRP D 216 -44.16 8.43 -13.36
N PRO D 217 -45.15 7.53 -13.40
CA PRO D 217 -46.37 7.77 -14.17
C PRO D 217 -47.22 8.92 -13.63
N GLU D 218 -48.28 9.22 -14.37
CA GLU D 218 -48.91 10.54 -14.38
C GLU D 218 -49.67 10.84 -13.08
N GLY D 219 -50.31 9.83 -12.50
CA GLY D 219 -51.21 10.01 -11.36
C GLY D 219 -50.60 10.33 -10.00
N SER D 220 -49.98 9.34 -9.38
CA SER D 220 -49.59 9.41 -7.96
C SER D 220 -48.30 10.19 -7.70
N PRO D 221 -48.12 10.69 -6.46
CA PRO D 221 -46.87 11.38 -6.14
C PRO D 221 -45.67 10.45 -6.26
N LYS D 222 -44.58 10.94 -6.85
CA LYS D 222 -43.36 10.17 -6.97
C LYS D 222 -42.68 10.13 -5.61
N PRO D 223 -42.31 8.93 -5.11
CA PRO D 223 -41.63 8.83 -3.82
C PRO D 223 -40.13 9.22 -3.88
N VAL D 224 -39.89 10.50 -4.14
CA VAL D 224 -38.53 11.02 -4.30
C VAL D 224 -37.81 11.22 -2.96
N THR D 225 -36.49 11.27 -3.07
CA THR D 225 -35.65 11.69 -1.97
C THR D 225 -36.12 13.09 -1.54
N GLN D 226 -36.26 13.29 -0.23
CA GLN D 226 -36.79 14.55 0.30
C GLN D 226 -36.64 14.66 1.81
N ASN D 227 -36.61 15.90 2.29
CA ASN D 227 -36.69 16.23 3.70
C ASN D 227 -38.13 16.43 4.13
N ILE D 228 -38.50 15.84 5.25
CA ILE D 228 -39.85 15.95 5.80
C ILE D 228 -39.71 16.27 7.29
N SER D 229 -40.33 17.37 7.71
CA SER D 229 -40.17 17.87 9.07
C SER D 229 -41.51 18.01 9.80
N ALA D 230 -41.42 17.96 11.13
CA ALA D 230 -42.51 18.36 12.00
C ALA D 230 -41.91 19.35 12.97
N GLU D 231 -42.70 20.33 13.38
CA GLU D 231 -42.18 21.42 14.22
C GLU D 231 -43.11 21.83 15.34
N ALA D 232 -42.54 22.58 16.28
CA ALA D 232 -43.27 23.06 17.46
C ALA D 232 -42.52 24.21 18.06
N TRP D 233 -43.27 25.18 18.59
CA TRP D 233 -42.70 26.30 19.32
C TRP D 233 -42.83 26.07 20.81
N GLY D 234 -41.90 26.67 21.56
CA GLY D 234 -42.00 26.70 23.01
C GLY D 234 -43.23 27.48 23.44
N ARG D 235 -43.73 27.18 24.63
CA ARG D 235 -44.89 27.87 25.17
C ARG D 235 -44.86 27.87 26.69
N ALA D 236 -45.30 28.98 27.27
CA ALA D 236 -45.56 29.07 28.70
C ALA D 236 -47.06 28.88 28.99
N ASP D 237 -47.84 28.49 27.99
CA ASP D 237 -49.24 28.10 28.19
C ASP D 237 -49.34 26.63 28.54
N LYS E 1 15.02 -11.40 1.09
CA LYS E 1 13.79 -10.93 0.42
C LYS E 1 13.93 -9.45 0.08
N ALA E 2 13.22 -9.04 -0.96
CA ALA E 2 13.38 -7.71 -1.55
C ALA E 2 12.71 -6.59 -0.71
N PRO E 3 13.19 -5.38 -0.83
CA PRO E 3 12.53 -4.28 -0.16
C PRO E 3 11.19 -3.99 -0.78
N TYR E 4 10.38 -3.21 -0.10
CA TYR E 4 9.12 -2.75 -0.61
C TYR E 4 8.95 -1.27 -0.27
N ASP E 5 8.79 -0.45 -1.28
CA ASP E 5 8.69 0.98 -1.11
C ASP E 5 7.33 1.41 -0.62
N TYR E 6 7.32 2.49 0.13
CA TYR E 6 6.13 2.98 0.77
C TYR E 6 5.56 4.12 -0.08
N ALA E 7 5.66 5.37 0.39
CA ALA E 7 5.15 6.51 -0.38
C ALA E 7 5.90 6.68 -1.66
N PRO E 8 5.23 6.99 -2.74
CA PRO E 8 5.97 7.21 -3.97
C PRO E 8 6.81 8.49 -3.95
N ILE E 9 7.75 8.55 -4.88
CA ILE E 9 8.56 9.73 -5.07
C ILE E 9 7.66 10.92 -5.37
C1 GOL F . 26.29 -5.92 -7.48
O1 GOL F . 27.07 -5.53 -8.62
C2 GOL F . 26.89 -5.36 -6.20
O2 GOL F . 28.06 -6.10 -5.87
C3 GOL F . 25.88 -5.43 -5.05
O3 GOL F . 26.40 -6.18 -3.94
#